data_5ZTZ
#
_entry.id   5ZTZ
#
_cell.length_a   73.011
_cell.length_b   105.629
_cell.length_c   201.069
_cell.angle_alpha   90.00
_cell.angle_beta   90.00
_cell.angle_gamma   90.00
#
_symmetry.space_group_name_H-M   'P 21 21 21'
#
loop_
_entity.id
_entity.type
_entity.pdbx_description
1 polymer 'Protein arginine methyltransferase NDUFAF7 homolog, mitochondrial'
2 water water
#
_entity_poly.entity_id   1
_entity_poly.type   'polypeptide(L)'
_entity_poly.pdbx_seq_one_letter_code
;GPLGSKQVFKNRKYPITDFEKYLQDITKVRGP(MSE)SIDTFIKEVLTNPKYGYY(MSE)NKDVFGKGGDFITAPEVSQL
FGE(MSE)IGIWCVATWEA(MSE)GKPKKLQIVE(MSE)GPGRGTL(MSE)KDILRSTKVFKEFYDSISVHLVEASPANK
KTQKQNLLYFKDKAINFDHKTIGETPNGIKVTWVGKLEEVPTDIPTLFLAQEFFDALPIHVFRFSREKNDWCEVLVDEDI
TEHGEYYLRFVQSKGPTL(MSE)TTAVKHLLPEFGLDGYQVELGLAGLAISQQIANRIDKSGGAALIIDYGYDKIVKSSL
QAIRDHEFVDILDKPGTADLSVWVDFQTIRKTVKLLKNKSTAIGPVDQGIFLKE(MSE)GIEHRLAQIGRKLDSNEKFEE
LV(MSE)GYKKLVDPKE(MSE)GTNYKVITICDKNITPIGFSTSKTYDDEDL(MSE)I
;
_entity_poly.pdbx_strand_id   A,B,C
#
# COMPACT_ATOMS: atom_id res chain seq x y z
N LYS A 13 -4.99 -21.27 5.45
CA LYS A 13 -3.71 -21.97 5.20
C LYS A 13 -3.15 -21.60 3.83
N TYR A 14 -1.84 -21.66 3.69
CA TYR A 14 -1.16 -21.36 2.45
C TYR A 14 0.26 -21.94 2.53
N PRO A 15 0.93 -22.12 1.37
CA PRO A 15 2.31 -22.63 1.41
C PRO A 15 3.26 -21.73 2.21
N ILE A 16 4.26 -22.31 2.87
CA ILE A 16 5.15 -21.49 3.72
C ILE A 16 6.04 -20.62 2.82
N THR A 17 6.19 -19.34 3.21
CA THR A 17 6.99 -18.40 2.43
C THR A 17 8.46 -18.54 2.80
N ASP A 18 9.35 -18.06 1.95
CA ASP A 18 10.79 -18.12 2.22
C ASP A 18 11.19 -17.31 3.45
N PHE A 19 10.56 -16.14 3.62
CA PHE A 19 10.85 -15.26 4.74
C PHE A 19 10.26 -15.76 6.06
N GLU A 20 9.16 -16.50 5.97
CA GLU A 20 8.66 -17.23 7.12
C GLU A 20 9.63 -18.34 7.50
N LYS A 21 10.17 -19.05 6.51
CA LYS A 21 11.23 -20.04 6.75
C LYS A 21 12.39 -19.40 7.52
N TYR A 22 12.87 -18.28 6.96
CA TYR A 22 13.99 -17.54 7.52
C TYR A 22 13.73 -17.11 8.97
N LEU A 23 12.53 -16.58 9.23
CA LEU A 23 12.18 -16.15 10.60
C LEU A 23 12.09 -17.32 11.58
N GLN A 24 11.43 -18.39 11.15
CA GLN A 24 11.38 -19.62 11.93
C GLN A 24 12.80 -20.06 12.33
N ASP A 25 13.72 -20.00 11.38
CA ASP A 25 15.10 -20.42 11.64
C ASP A 25 15.80 -19.56 12.70
N ILE A 26 15.50 -18.27 12.71
CA ILE A 26 16.00 -17.41 13.78
C ILE A 26 15.47 -17.91 15.11
N THR A 27 14.20 -18.27 15.18
CA THR A 27 13.65 -18.74 16.46
C THR A 27 14.23 -20.11 16.87
N LYS A 28 14.62 -20.92 15.89
CA LYS A 28 15.26 -22.21 16.18
C LYS A 28 16.67 -22.04 16.75
N VAL A 29 17.43 -21.07 16.25
CA VAL A 29 18.82 -20.88 16.72
C VAL A 29 18.94 -19.97 17.95
N ARG A 30 18.10 -18.94 18.04
CA ARG A 30 18.18 -17.93 19.10
C ARG A 30 16.95 -17.86 20.01
N GLY A 31 15.94 -18.70 19.76
CA GLY A 31 14.72 -18.68 20.56
C GLY A 31 13.75 -17.62 20.09
N PRO A 32 12.53 -17.60 20.66
CA PRO A 32 11.51 -16.62 20.25
C PRO A 32 12.03 -15.19 20.26
N SER A 34 11.83 -10.88 20.09
CA SER A 34 10.99 -9.80 20.60
C SER A 34 10.16 -9.22 19.45
N ILE A 35 9.06 -8.56 19.76
CA ILE A 35 8.26 -7.94 18.72
C ILE A 35 9.03 -6.81 18.05
N ASP A 36 9.94 -6.17 18.79
CA ASP A 36 10.84 -5.16 18.24
C ASP A 36 11.70 -5.73 17.12
N THR A 37 12.36 -6.86 17.41
CA THR A 37 13.18 -7.56 16.42
C THR A 37 12.33 -8.00 15.23
N PHE A 38 11.15 -8.55 15.53
CA PHE A 38 10.23 -9.01 14.49
C PHE A 38 9.86 -7.89 13.53
N ILE A 39 9.49 -6.73 14.07
CA ILE A 39 9.12 -5.59 13.25
C ILE A 39 10.31 -5.10 12.43
N LYS A 40 11.48 -4.96 13.06
CA LYS A 40 12.69 -4.59 12.33
C LYS A 40 12.93 -5.50 11.13
N GLU A 41 12.85 -6.81 11.34
CA GLU A 41 13.04 -7.77 10.24
C GLU A 41 11.98 -7.54 9.17
N VAL A 42 10.71 -7.64 9.57
CA VAL A 42 9.58 -7.57 8.65
C VAL A 42 9.62 -6.35 7.74
N LEU A 43 9.98 -5.20 8.30
CA LEU A 43 10.04 -3.99 7.51
C LEU A 43 11.32 -3.90 6.70
N THR A 44 12.46 -4.11 7.36
CA THR A 44 13.77 -3.71 6.81
C THR A 44 14.78 -4.84 6.55
N ASN A 45 14.31 -6.06 6.35
CA ASN A 45 15.21 -7.15 5.93
C ASN A 45 15.66 -6.87 4.50
N PRO A 46 16.98 -6.98 4.22
CA PRO A 46 17.49 -6.69 2.87
C PRO A 46 16.78 -7.44 1.73
N LYS A 47 16.56 -8.72 1.92
CA LYS A 47 16.01 -9.57 0.87
C LYS A 47 14.47 -9.53 0.83
N TYR A 48 13.86 -9.66 2.00
CA TYR A 48 12.41 -9.87 2.13
C TYR A 48 11.59 -8.72 2.75
N GLY A 49 12.25 -7.66 3.20
CA GLY A 49 11.57 -6.58 3.89
C GLY A 49 10.43 -5.95 3.10
N TYR A 50 9.37 -5.52 3.80
CA TYR A 50 8.25 -4.85 3.15
C TYR A 50 8.64 -3.47 2.63
N TYR A 51 9.25 -2.67 3.50
CA TYR A 51 9.76 -1.36 3.08
C TYR A 51 10.84 -1.47 2.02
N ASN A 53 13.05 -3.42 -1.16
CA ASN A 53 12.76 -4.04 -2.48
C ASN A 53 11.35 -4.63 -2.71
N LYS A 54 10.34 -3.76 -2.85
CA LYS A 54 9.04 -4.19 -3.42
C LYS A 54 8.35 -3.05 -4.19
N ASP A 55 7.95 -2.00 -3.49
CA ASP A 55 7.24 -0.85 -4.06
C ASP A 55 6.06 -1.23 -4.99
N VAL A 56 5.78 -0.41 -6.00
CA VAL A 56 4.68 -0.61 -6.99
C VAL A 56 3.52 -1.55 -6.60
N PHE A 57 2.52 -1.03 -5.86
CA PHE A 57 1.39 -1.82 -5.37
C PHE A 57 0.06 -1.04 -5.39
N GLY A 58 -0.17 -0.15 -4.42
CA GLY A 58 -1.52 0.44 -4.18
C GLY A 58 -2.00 1.71 -4.89
N LYS A 59 -1.39 2.85 -4.55
CA LYS A 59 -1.80 4.17 -5.08
C LYS A 59 -0.69 4.93 -5.89
N GLY A 60 0.53 4.98 -5.35
CA GLY A 60 1.55 5.98 -5.71
C GLY A 60 2.03 6.67 -4.42
N GLY A 61 2.40 5.86 -3.42
CA GLY A 61 2.45 6.28 -2.02
C GLY A 61 1.56 5.44 -1.11
N ASP A 62 0.61 4.72 -1.70
CA ASP A 62 -0.37 3.87 -1.00
C ASP A 62 -1.36 4.67 -0.16
N PHE A 63 -0.98 5.04 1.06
CA PHE A 63 -1.86 5.73 1.98
C PHE A 63 -1.66 7.22 1.87
N ILE A 64 -2.75 7.97 1.90
CA ILE A 64 -2.64 9.43 1.94
C ILE A 64 -2.24 9.92 3.33
N THR A 65 -1.13 10.64 3.42
CA THR A 65 -0.66 11.25 4.67
C THR A 65 -1.12 12.70 4.73
N ALA A 66 -1.01 13.30 5.93
CA ALA A 66 -1.49 14.66 6.15
C ALA A 66 -0.97 15.69 5.12
N PRO A 67 0.33 15.66 4.78
CA PRO A 67 0.85 16.58 3.75
C PRO A 67 0.23 16.40 2.37
N GLU A 68 -0.05 15.14 2.00
CA GLU A 68 -0.62 14.79 0.71
C GLU A 68 -2.11 15.16 0.63
N VAL A 69 -2.75 15.28 1.80
CA VAL A 69 -4.16 15.70 1.87
C VAL A 69 -4.38 17.16 1.48
N SER A 70 -3.49 18.05 1.91
CA SER A 70 -3.64 19.48 1.65
C SER A 70 -2.35 20.25 1.81
N GLN A 71 -2.12 21.19 0.90
CA GLN A 71 -1.07 22.20 1.04
C GLN A 71 -1.20 23.01 2.34
N LEU A 72 -2.44 23.13 2.85
CA LEU A 72 -2.70 23.81 4.10
C LEU A 72 -1.84 23.27 5.23
N PHE A 73 -1.70 21.94 5.28
CA PHE A 73 -0.94 21.30 6.35
C PHE A 73 0.52 21.77 6.33
N GLY A 74 1.14 21.64 5.16
CA GLY A 74 2.52 22.06 4.98
C GLY A 74 2.73 23.54 5.27
N GLU A 75 1.80 24.38 4.83
CA GLU A 75 1.87 25.83 5.08
C GLU A 75 1.79 26.17 6.57
N ILE A 77 2.64 24.11 9.04
CA ILE A 77 3.89 23.66 9.65
C ILE A 77 5.04 24.63 9.34
N GLY A 78 5.02 25.21 8.14
CA GLY A 78 5.98 26.26 7.79
C GLY A 78 5.86 27.48 8.69
N ILE A 79 4.63 27.93 8.92
CA ILE A 79 4.38 29.05 9.83
C ILE A 79 4.88 28.69 11.23
N TRP A 80 4.69 27.44 11.66
CA TRP A 80 5.23 26.99 12.94
C TRP A 80 6.76 27.10 12.96
N CYS A 81 7.41 26.70 11.88
CA CYS A 81 8.87 26.78 11.80
C CYS A 81 9.33 28.22 11.96
N VAL A 82 8.70 29.14 11.23
CA VAL A 82 9.10 30.56 11.27
C VAL A 82 8.85 31.19 12.65
N ALA A 83 7.67 30.93 13.20
CA ALA A 83 7.29 31.48 14.51
C ALA A 83 8.19 30.96 15.62
N THR A 84 8.55 29.68 15.53
CA THR A 84 9.47 29.07 16.48
C THR A 84 10.86 29.70 16.35
N TRP A 85 11.36 29.80 15.12
CA TRP A 85 12.65 30.47 14.84
C TRP A 85 12.70 31.90 15.40
N GLU A 86 11.59 32.62 15.28
CA GLU A 86 11.49 33.97 15.87
C GLU A 86 11.57 33.87 17.39
N ALA A 87 10.80 32.95 17.98
CA ALA A 87 10.81 32.75 19.42
C ALA A 87 12.18 32.36 19.97
N GLY A 89 14.89 33.68 18.89
CA GLY A 89 15.76 34.83 18.69
C GLY A 89 16.39 34.92 17.31
N LYS A 90 15.73 34.34 16.31
CA LYS A 90 16.16 34.46 14.91
C LYS A 90 17.63 34.13 14.68
N PRO A 91 18.06 32.90 15.00
CA PRO A 91 19.44 32.52 14.72
C PRO A 91 19.81 32.70 13.25
N LYS A 92 21.06 33.09 13.00
CA LYS A 92 21.59 33.23 11.64
C LYS A 92 21.72 31.89 10.92
N LYS A 93 21.90 30.81 11.68
CA LYS A 93 21.94 29.46 11.15
C LYS A 93 20.90 28.61 11.84
N LEU A 94 19.99 28.05 11.05
CA LEU A 94 18.99 27.11 11.53
C LEU A 94 19.03 25.83 10.69
N GLN A 95 19.19 24.69 11.36
CA GLN A 95 19.01 23.40 10.71
C GLN A 95 17.54 23.01 10.82
N ILE A 96 16.98 22.49 9.74
CA ILE A 96 15.67 21.86 9.78
C ILE A 96 15.85 20.39 9.42
N VAL A 97 15.57 19.54 10.39
CA VAL A 97 15.75 18.10 10.25
C VAL A 97 14.36 17.46 10.12
N GLU A 98 14.17 16.58 9.13
CA GLU A 98 12.93 15.79 9.07
C GLU A 98 13.22 14.29 9.20
N GLY A 100 12.08 10.69 8.48
CA GLY A 100 11.22 9.97 7.55
C GLY A 100 10.32 10.86 6.71
N PRO A 101 10.89 11.61 5.77
CA PRO A 101 10.14 12.61 5.01
C PRO A 101 9.14 12.10 3.97
N GLY A 102 8.92 10.80 3.88
CA GLY A 102 7.98 10.25 2.90
C GLY A 102 8.42 10.53 1.49
N ARG A 103 7.56 11.19 0.71
CA ARG A 103 7.89 11.60 -0.64
C ARG A 103 8.57 12.98 -0.70
N GLY A 104 8.76 13.62 0.46
CA GLY A 104 9.30 14.97 0.53
C GLY A 104 8.26 16.07 0.36
N THR A 105 6.99 15.70 0.43
CA THR A 105 5.88 16.62 0.20
C THR A 105 5.79 17.71 1.28
N LEU A 106 5.87 17.32 2.53
CA LEU A 106 5.84 18.29 3.64
C LEU A 106 6.94 19.31 3.49
N LYS A 108 8.71 20.07 0.87
CA LYS A 108 8.49 20.88 -0.32
C LYS A 108 7.49 22.02 -0.07
N ASP A 109 6.37 21.70 0.58
CA ASP A 109 5.37 22.72 0.92
C ASP A 109 5.92 23.79 1.88
N ILE A 110 6.72 23.36 2.85
CA ILE A 110 7.37 24.29 3.77
C ILE A 110 8.28 25.25 3.02
N LEU A 111 9.20 24.68 2.25
CA LEU A 111 10.18 25.46 1.49
C LEU A 111 9.53 26.38 0.45
N ARG A 112 8.39 25.99 -0.10
CA ARG A 112 7.63 26.87 -0.98
C ARG A 112 7.06 28.02 -0.15
N SER A 113 6.20 27.69 0.80
CA SER A 113 5.40 28.70 1.50
C SER A 113 6.19 29.66 2.40
N THR A 114 7.36 29.24 2.87
CA THR A 114 8.17 30.10 3.74
C THR A 114 9.16 30.97 2.97
N LYS A 115 9.25 30.80 1.65
CA LYS A 115 10.16 31.62 0.83
C LYS A 115 10.01 33.12 1.09
N VAL A 116 8.77 33.58 1.30
CA VAL A 116 8.47 35.00 1.53
C VAL A 116 9.19 35.61 2.73
N PHE A 117 9.50 34.80 3.74
CA PHE A 117 10.17 35.31 4.94
C PHE A 117 11.68 35.32 4.70
N LYS A 118 12.21 36.44 4.20
CA LYS A 118 13.59 36.50 3.70
C LYS A 118 14.62 36.14 4.75
N GLU A 119 14.52 36.79 5.90
CA GLU A 119 15.49 36.61 6.98
C GLU A 119 15.53 35.15 7.45
N PHE A 120 14.35 34.55 7.57
CA PHE A 120 14.23 33.12 7.92
C PHE A 120 14.82 32.23 6.83
N TYR A 121 14.37 32.43 5.60
CA TYR A 121 14.77 31.59 4.47
C TYR A 121 16.28 31.66 4.22
N ASP A 122 16.91 32.78 4.58
CA ASP A 122 18.37 32.91 4.47
C ASP A 122 19.14 32.12 5.52
N SER A 123 18.49 31.78 6.62
CA SER A 123 19.17 31.10 7.72
C SER A 123 19.07 29.58 7.67
N ILE A 124 18.17 29.03 6.86
CA ILE A 124 17.87 27.59 6.93
C ILE A 124 18.73 26.71 6.04
N SER A 125 19.09 25.54 6.55
CA SER A 125 19.52 24.42 5.71
C SER A 125 18.67 23.21 6.10
N VAL A 126 18.55 22.24 5.20
CA VAL A 126 17.71 21.08 5.43
C VAL A 126 18.50 19.78 5.55
N HIS A 127 18.08 18.94 6.49
CA HIS A 127 18.66 17.62 6.72
C HIS A 127 17.54 16.59 6.81
N LEU A 128 17.58 15.59 5.93
CA LEU A 128 16.58 14.55 5.90
C LEU A 128 17.17 13.23 6.41
N VAL A 129 16.51 12.65 7.40
CA VAL A 129 16.93 11.37 7.95
C VAL A 129 16.08 10.29 7.31
N GLU A 130 16.72 9.46 6.49
CA GLU A 130 16.02 8.51 5.63
C GLU A 130 16.86 7.26 5.41
N ALA A 131 16.30 6.11 5.78
CA ALA A 131 16.98 4.82 5.63
C ALA A 131 16.75 4.17 4.25
N SER A 132 15.56 4.37 3.68
CA SER A 132 15.20 3.75 2.40
C SER A 132 15.84 4.47 1.20
N PRO A 133 16.62 3.73 0.37
CA PRO A 133 17.14 4.31 -0.87
C PRO A 133 16.05 4.73 -1.85
N ALA A 134 14.96 3.97 -1.91
CA ALA A 134 13.80 4.31 -2.74
C ALA A 134 13.23 5.67 -2.36
N ASN A 135 13.00 5.84 -1.06
CA ASN A 135 12.54 7.11 -0.53
C ASN A 135 13.53 8.24 -0.82
N LYS A 136 14.83 7.99 -0.63
CA LYS A 136 15.85 9.02 -0.95
C LYS A 136 15.72 9.48 -2.39
N LYS A 137 15.58 8.52 -3.31
CA LYS A 137 15.45 8.85 -4.72
C LYS A 137 14.22 9.71 -4.98
N THR A 138 13.09 9.29 -4.43
CA THR A 138 11.84 10.06 -4.59
C THR A 138 11.96 11.47 -4.03
N GLN A 139 12.52 11.59 -2.83
CA GLN A 139 12.69 12.89 -2.17
C GLN A 139 13.61 13.81 -2.97
N LYS A 140 14.70 13.26 -3.48
CA LYS A 140 15.65 14.02 -4.29
C LYS A 140 15.02 14.49 -5.59
N GLN A 141 14.31 13.59 -6.26
CA GLN A 141 13.58 13.95 -7.49
C GLN A 141 12.52 15.00 -7.22
N ASN A 142 11.94 14.97 -6.03
CA ASN A 142 10.86 15.88 -5.68
C ASN A 142 11.36 17.25 -5.21
N LEU A 143 12.59 17.33 -4.70
CA LEU A 143 13.09 18.55 -4.03
C LEU A 143 14.24 19.27 -4.72
N LEU A 144 15.04 18.56 -5.52
CA LEU A 144 16.30 19.13 -6.01
C LEU A 144 16.23 19.68 -7.43
N TYR A 145 17.14 20.61 -7.69
CA TYR A 145 17.37 21.17 -9.01
C TYR A 145 18.59 20.44 -9.60
N PHE A 146 18.47 19.90 -10.81
CA PHE A 146 19.54 19.09 -11.40
C PHE A 146 20.17 19.71 -12.63
N LYS A 147 21.50 19.84 -12.62
CA LYS A 147 22.24 20.36 -13.77
C LYS A 147 22.65 19.27 -14.75
N ASP A 148 22.66 18.02 -14.30
CA ASP A 148 23.21 16.92 -15.11
C ASP A 148 22.15 15.92 -15.57
N LYS A 149 22.39 15.32 -16.74
CA LYS A 149 21.48 14.35 -17.35
C LYS A 149 21.51 13.03 -16.59
N ALA A 150 22.72 12.50 -16.39
CA ALA A 150 22.92 11.23 -15.72
C ALA A 150 23.04 11.42 -14.22
N ILE A 151 22.11 10.86 -13.45
CA ILE A 151 22.12 11.02 -12.00
C ILE A 151 22.12 9.67 -11.31
N ASN A 152 23.22 9.37 -10.61
CA ASN A 152 23.25 8.24 -9.68
C ASN A 152 22.89 8.80 -8.31
N PHE A 153 21.69 8.49 -7.84
CA PHE A 153 21.17 9.06 -6.60
C PHE A 153 21.93 8.59 -5.35
N ASP A 154 22.66 7.48 -5.46
CA ASP A 154 23.44 6.96 -4.34
C ASP A 154 24.60 7.85 -3.96
N HIS A 155 25.45 8.23 -4.92
CA HIS A 155 26.56 9.12 -4.58
C HIS A 155 26.21 10.61 -4.75
N LYS A 156 25.04 10.97 -4.25
CA LYS A 156 24.49 12.32 -4.31
C LYS A 156 23.73 12.56 -2.99
N THR A 157 24.49 12.84 -1.93
CA THR A 157 23.90 13.00 -0.59
C THR A 157 23.65 14.47 -0.21
N ILE A 158 24.17 15.40 -1.02
CA ILE A 158 23.91 16.83 -0.85
C ILE A 158 23.33 17.38 -2.16
N GLY A 159 22.40 18.32 -2.02
CA GLY A 159 21.74 18.91 -3.16
C GLY A 159 21.26 20.33 -2.89
N GLU A 160 20.75 20.95 -3.93
CA GLU A 160 20.29 22.32 -3.88
C GLU A 160 18.87 22.37 -4.44
N THR A 161 18.01 23.08 -3.71
CA THR A 161 16.63 23.32 -4.10
C THR A 161 16.64 24.33 -5.28
N PRO A 162 15.55 24.42 -6.06
CA PRO A 162 15.54 25.47 -7.10
C PRO A 162 15.63 26.90 -6.54
N ASN A 163 15.08 27.14 -5.35
CA ASN A 163 15.33 28.38 -4.62
C ASN A 163 16.71 28.48 -3.95
N GLY A 164 17.60 27.52 -4.19
CA GLY A 164 18.96 27.57 -3.66
C GLY A 164 19.14 27.15 -2.21
N ILE A 165 18.15 26.48 -1.63
CA ILE A 165 18.28 25.94 -0.27
C ILE A 165 19.03 24.62 -0.27
N LYS A 166 20.00 24.50 0.63
CA LYS A 166 20.80 23.28 0.72
C LYS A 166 20.04 22.15 1.41
N VAL A 167 20.11 20.95 0.83
CA VAL A 167 19.47 19.77 1.41
C VAL A 167 20.45 18.59 1.48
N THR A 168 20.62 18.03 2.68
CA THR A 168 21.51 16.89 2.90
C THR A 168 20.74 15.68 3.40
N TRP A 169 21.06 14.49 2.86
CA TRP A 169 20.43 13.23 3.31
C TRP A 169 21.40 12.45 4.18
N VAL A 170 20.89 11.91 5.29
CA VAL A 170 21.66 11.00 6.14
C VAL A 170 20.79 9.85 6.61
N GLY A 171 21.43 8.76 7.05
CA GLY A 171 20.74 7.55 7.46
C GLY A 171 20.21 7.57 8.87
N LYS A 172 20.93 8.24 9.76
CA LYS A 172 20.56 8.29 11.18
C LYS A 172 20.66 9.70 11.71
N LEU A 173 19.82 10.01 12.70
CA LEU A 173 19.83 11.32 13.37
C LEU A 173 21.22 11.65 13.93
N GLU A 174 21.91 10.63 14.43
CA GLU A 174 23.27 10.77 14.93
C GLU A 174 24.19 11.48 13.94
N GLU A 175 23.96 11.27 12.65
CA GLU A 175 24.82 11.87 11.62
C GLU A 175 24.54 13.36 11.35
N VAL A 176 23.46 13.90 11.88
CA VAL A 176 23.13 15.32 11.65
C VAL A 176 24.08 16.22 12.45
N PRO A 177 24.62 17.28 11.83
CA PRO A 177 25.53 18.15 12.58
C PRO A 177 24.93 18.65 13.89
N THR A 178 25.80 18.87 14.86
CA THR A 178 25.42 19.34 16.18
C THR A 178 25.86 20.78 16.30
N ASP A 179 25.57 21.38 17.44
CA ASP A 179 26.07 22.73 17.77
C ASP A 179 25.53 23.81 16.82
N ILE A 180 24.32 23.59 16.31
CA ILE A 180 23.61 24.59 15.52
C ILE A 180 22.14 24.46 15.94
N PRO A 181 21.47 25.59 16.21
CA PRO A 181 20.06 25.50 16.58
C PRO A 181 19.27 24.72 15.53
N THR A 182 18.39 23.82 16.01
CA THR A 182 17.75 22.86 15.11
C THR A 182 16.25 22.69 15.35
N LEU A 183 15.49 22.71 14.26
CA LEU A 183 14.09 22.30 14.26
C LEU A 183 14.03 20.84 13.83
N PHE A 184 13.17 20.06 14.47
CA PHE A 184 12.97 18.66 14.12
C PHE A 184 11.50 18.43 13.78
N LEU A 185 11.23 17.86 12.62
CA LEU A 185 9.89 17.53 12.22
C LEU A 185 9.77 16.01 12.07
N ALA A 186 8.79 15.44 12.77
CA ALA A 186 8.51 14.01 12.70
C ALA A 186 7.02 13.83 12.42
N GLN A 187 6.67 13.60 11.17
CA GLN A 187 5.29 13.51 10.72
C GLN A 187 4.99 12.08 10.28
N GLU A 188 4.08 11.41 11.00
CA GLU A 188 3.77 10.00 10.77
C GLU A 188 5.03 9.13 10.73
N PHE A 189 5.96 9.43 11.63
CA PHE A 189 7.24 8.71 11.72
C PHE A 189 7.23 7.71 12.87
N PHE A 190 6.84 8.18 14.07
CA PHE A 190 6.83 7.34 15.27
C PHE A 190 5.92 6.13 15.16
N ASP A 191 4.78 6.27 14.47
CA ASP A 191 3.87 5.14 14.25
C ASP A 191 4.50 3.99 13.48
N ALA A 192 5.57 4.26 12.75
CA ALA A 192 6.28 3.25 11.97
C ALA A 192 7.50 2.66 12.68
N LEU A 193 7.86 3.17 13.86
CA LEU A 193 8.99 2.62 14.62
C LEU A 193 8.61 1.31 15.32
N PRO A 194 9.59 0.40 15.53
CA PRO A 194 9.29 -0.85 16.24
C PRO A 194 8.88 -0.64 17.68
N ILE A 195 8.23 -1.64 18.26
CA ILE A 195 7.81 -1.60 19.66
C ILE A 195 8.08 -2.92 20.35
N HIS A 196 8.10 -2.91 21.68
CA HIS A 196 8.08 -4.13 22.48
C HIS A 196 6.69 -4.25 23.08
N VAL A 197 6.26 -5.48 23.35
CA VAL A 197 4.97 -5.70 23.99
C VAL A 197 5.19 -6.52 25.25
N PHE A 198 4.58 -6.08 26.36
CA PHE A 198 4.73 -6.75 27.63
C PHE A 198 3.36 -7.09 28.21
N ARG A 199 3.30 -8.19 28.97
CA ARG A 199 2.06 -8.71 29.52
C ARG A 199 2.29 -9.16 30.94
N PHE A 200 1.44 -8.73 31.87
CA PHE A 200 1.60 -9.06 33.28
C PHE A 200 0.98 -10.41 33.61
N SER A 201 1.76 -11.26 34.27
CA SER A 201 1.30 -12.56 34.74
C SER A 201 1.15 -12.49 36.25
N ARG A 202 -0.08 -12.68 36.72
CA ARG A 202 -0.36 -12.68 38.17
C ARG A 202 0.12 -13.98 38.80
N GLU A 203 -0.03 -15.08 38.07
CA GLU A 203 0.42 -16.39 38.58
C GLU A 203 1.95 -16.51 38.65
N LYS A 204 2.67 -15.64 37.94
CA LYS A 204 4.11 -15.48 38.13
C LYS A 204 4.42 -14.18 38.89
N ASN A 205 3.37 -13.45 39.23
CA ASN A 205 3.45 -12.10 39.84
C ASN A 205 4.55 -11.21 39.25
N ASP A 206 4.61 -11.16 37.93
CA ASP A 206 5.65 -10.38 37.26
C ASP A 206 5.31 -10.15 35.79
N TRP A 207 6.02 -9.22 35.16
CA TRP A 207 5.85 -8.96 33.75
C TRP A 207 6.63 -9.96 32.89
N CYS A 208 6.01 -10.35 31.77
CA CYS A 208 6.66 -11.12 30.72
C CYS A 208 6.66 -10.30 29.45
N GLU A 209 7.58 -10.63 28.52
CA GLU A 209 7.57 -10.04 27.20
C GLU A 209 6.81 -10.97 26.25
N VAL A 210 6.13 -10.38 25.27
CA VAL A 210 5.48 -11.14 24.21
C VAL A 210 6.43 -11.27 23.03
N LEU A 211 6.61 -12.50 22.58
CA LEU A 211 7.60 -12.86 21.57
C LEU A 211 6.95 -13.59 20.40
N VAL A 212 7.65 -13.62 19.28
CA VAL A 212 7.23 -14.36 18.11
C VAL A 212 8.10 -15.61 18.00
N ASP A 213 7.46 -16.77 17.95
CA ASP A 213 8.15 -18.04 17.81
C ASP A 213 7.64 -18.76 16.57
N GLU A 214 8.39 -19.73 16.06
CA GLU A 214 7.85 -20.62 15.04
C GLU A 214 6.59 -21.28 15.58
N ASP A 215 5.67 -21.63 14.68
CA ASP A 215 4.44 -22.31 15.05
C ASP A 215 4.41 -23.62 14.31
N ILE A 216 4.61 -24.73 15.02
CA ILE A 216 4.47 -26.03 14.37
C ILE A 216 3.33 -26.82 15.00
N THR A 217 2.41 -26.13 15.70
CA THR A 217 1.29 -26.81 16.35
C THR A 217 0.27 -27.19 15.29
N GLU A 218 -0.39 -28.34 15.44
CA GLU A 218 -1.49 -28.69 14.52
C GLU A 218 -2.62 -27.66 14.67
N HIS A 219 -3.31 -27.38 13.55
CA HIS A 219 -4.24 -26.23 13.44
C HIS A 219 -3.74 -24.97 14.18
N GLY A 220 -2.50 -24.61 13.91
CA GLY A 220 -1.91 -23.36 14.40
C GLY A 220 -2.37 -22.10 13.68
N GLU A 221 -2.75 -22.25 12.42
CA GLU A 221 -3.14 -21.16 11.51
C GLU A 221 -1.98 -20.60 10.69
N TYR A 222 -0.98 -20.03 11.35
CA TYR A 222 0.17 -19.49 10.61
C TYR A 222 1.46 -20.21 10.97
N TYR A 223 2.56 -19.82 10.33
CA TYR A 223 3.86 -20.45 10.57
C TYR A 223 4.65 -19.79 11.69
N LEU A 224 4.15 -18.64 12.15
CA LEU A 224 4.67 -17.99 13.35
C LEU A 224 3.53 -17.82 14.33
N ARG A 225 3.86 -17.64 15.60
CA ARG A 225 2.85 -17.44 16.64
C ARG A 225 3.39 -16.55 17.74
N PHE A 226 2.48 -15.96 18.52
CA PHE A 226 2.85 -15.18 19.69
C PHE A 226 2.93 -16.08 20.91
N VAL A 227 4.00 -15.92 21.68
CA VAL A 227 4.22 -16.65 22.91
C VAL A 227 4.62 -15.67 24.00
N GLN A 228 4.54 -16.13 25.24
CA GLN A 228 4.92 -15.34 26.40
C GLN A 228 6.27 -15.84 26.89
N SER A 229 7.18 -14.94 27.25
CA SER A 229 8.47 -15.34 27.78
C SER A 229 8.33 -16.04 29.13
N LYS A 230 9.23 -16.98 29.41
CA LYS A 230 9.27 -17.65 30.70
C LYS A 230 9.87 -16.67 31.71
N GLY A 231 9.01 -15.91 32.38
CA GLY A 231 9.44 -14.91 33.34
C GLY A 231 9.89 -13.63 32.66
N PRO A 232 10.53 -12.73 33.42
CA PRO A 232 11.01 -11.49 32.83
C PRO A 232 12.17 -11.70 31.88
N THR A 233 12.16 -11.01 30.75
CA THR A 233 13.33 -10.91 29.89
C THR A 233 14.23 -9.78 30.39
N LEU A 234 15.40 -9.67 29.79
CA LEU A 234 16.34 -8.58 30.09
C LEU A 234 15.71 -7.22 29.81
N THR A 236 12.35 -6.67 29.78
CA THR A 236 11.32 -6.54 30.81
C THR A 236 11.91 -5.89 32.04
N THR A 237 12.98 -6.49 32.57
CA THR A 237 13.67 -5.90 33.73
C THR A 237 14.10 -4.47 33.43
N ALA A 238 14.84 -4.28 32.35
CA ALA A 238 15.39 -2.97 31.97
C ALA A 238 14.35 -1.84 31.90
N VAL A 239 13.11 -2.14 31.54
CA VAL A 239 12.06 -1.11 31.44
C VAL A 239 10.95 -1.24 32.48
N LYS A 240 11.16 -2.02 33.54
CA LYS A 240 10.12 -2.20 34.57
C LYS A 240 9.71 -0.88 35.23
N HIS A 241 10.63 0.09 35.28
CA HIS A 241 10.34 1.45 35.76
C HIS A 241 9.36 2.26 34.90
N LEU A 242 9.11 1.81 33.67
CA LEU A 242 8.14 2.46 32.78
C LEU A 242 6.77 1.76 32.77
N LEU A 243 6.76 0.48 33.12
CA LEU A 243 5.52 -0.29 33.15
C LEU A 243 4.66 0.11 34.34
N PRO A 244 3.32 -0.01 34.21
CA PRO A 244 2.45 0.31 35.33
C PRO A 244 2.64 -0.64 36.50
N GLU A 245 2.52 -0.11 37.72
CA GLU A 245 2.63 -0.89 38.94
C GLU A 245 1.40 -1.76 39.18
N PHE A 246 0.21 -1.24 38.82
CA PHE A 246 -1.05 -1.97 38.99
C PHE A 246 -1.10 -3.17 38.01
N GLY A 247 -0.35 -4.21 38.34
CA GLY A 247 -0.30 -5.41 37.51
C GLY A 247 -1.53 -6.28 37.68
N LEU A 248 -2.46 -6.19 36.72
CA LEU A 248 -3.64 -7.06 36.67
C LEU A 248 -3.33 -8.20 35.71
N ASP A 249 -3.86 -9.39 35.98
CA ASP A 249 -3.52 -10.56 35.16
C ASP A 249 -3.91 -10.35 33.71
N GLY A 250 -2.98 -10.63 32.80
CA GLY A 250 -3.18 -10.42 31.37
C GLY A 250 -3.05 -8.99 30.89
N TYR A 251 -2.89 -8.03 31.82
CA TYR A 251 -2.78 -6.63 31.45
C TYR A 251 -1.56 -6.44 30.57
N GLN A 252 -1.79 -5.84 29.39
CA GLN A 252 -0.79 -5.78 28.34
C GLN A 252 -0.50 -4.34 27.93
N VAL A 253 0.78 -4.04 27.68
CA VAL A 253 1.13 -2.72 27.16
C VAL A 253 2.17 -2.81 26.03
N GLU A 254 2.11 -1.80 25.16
CA GLU A 254 3.10 -1.60 24.12
C GLU A 254 4.02 -0.50 24.58
N LEU A 255 5.30 -0.62 24.25
CA LEU A 255 6.29 0.41 24.58
C LEU A 255 7.18 0.65 23.37
N GLY A 256 7.21 1.90 22.92
CA GLY A 256 8.02 2.32 21.78
C GLY A 256 9.39 2.81 22.21
N LEU A 257 10.24 1.85 22.55
CA LEU A 257 11.57 2.16 23.08
C LEU A 257 12.46 2.87 22.07
N ALA A 258 12.37 2.47 20.81
CA ALA A 258 13.11 3.12 19.73
C ALA A 258 12.75 4.60 19.68
N GLY A 259 11.44 4.87 19.74
CA GLY A 259 10.92 6.22 19.77
C GLY A 259 11.39 7.00 20.99
N LEU A 260 11.45 6.36 22.15
CA LEU A 260 11.93 7.02 23.36
C LEU A 260 13.39 7.41 23.22
N ALA A 261 14.17 6.54 22.58
CA ALA A 261 15.60 6.79 22.34
C ALA A 261 15.78 8.00 21.41
N ILE A 262 14.98 8.04 20.35
CA ILE A 262 15.01 9.19 19.44
C ILE A 262 14.61 10.48 20.18
N SER A 263 13.59 10.38 21.02
CA SER A 263 13.12 11.50 21.81
C SER A 263 14.23 12.04 22.71
N GLN A 264 14.98 11.15 23.34
CA GLN A 264 16.12 11.55 24.17
C GLN A 264 17.24 12.22 23.35
N GLN A 265 17.52 11.68 22.16
CA GLN A 265 18.51 12.33 21.28
C GLN A 265 18.11 13.76 20.94
N ILE A 266 16.83 13.96 20.57
CA ILE A 266 16.31 15.28 20.24
C ILE A 266 16.37 16.22 21.44
N ALA A 267 15.89 15.74 22.57
CA ALA A 267 15.89 16.50 23.82
C ALA A 267 17.29 16.97 24.24
N ASN A 268 18.27 16.07 24.15
CA ASN A 268 19.64 16.40 24.53
C ASN A 268 20.29 17.35 23.50
N ARG A 269 19.98 17.15 22.22
CA ARG A 269 20.42 18.10 21.20
C ARG A 269 19.90 19.50 21.48
N ILE A 270 18.61 19.61 21.83
CA ILE A 270 18.00 20.90 22.14
C ILE A 270 18.59 21.51 23.41
N ASP A 271 18.83 20.68 24.42
CA ASP A 271 19.50 21.12 25.64
C ASP A 271 20.89 21.71 25.34
N LYS A 272 21.65 21.08 24.43
CA LYS A 272 22.99 21.55 24.10
C LYS A 272 23.00 22.79 23.21
N SER A 273 22.31 22.73 22.08
CA SER A 273 22.45 23.74 21.03
C SER A 273 21.17 24.52 20.71
N GLY A 274 20.08 24.20 21.39
CA GLY A 274 18.80 24.86 21.16
C GLY A 274 18.03 24.33 19.96
N GLY A 275 16.72 24.55 20.01
CA GLY A 275 15.85 24.10 18.94
C GLY A 275 14.50 23.63 19.43
N ALA A 276 13.76 22.99 18.53
CA ALA A 276 12.42 22.52 18.88
C ALA A 276 11.96 21.45 17.92
N ALA A 277 11.19 20.50 18.45
CA ALA A 277 10.69 19.39 17.67
C ALA A 277 9.16 19.41 17.69
N LEU A 278 8.59 19.20 16.50
CA LEU A 278 7.18 18.87 16.32
C LEU A 278 7.04 17.39 15.97
N ILE A 279 6.32 16.66 16.82
CA ILE A 279 6.02 15.27 16.55
C ILE A 279 4.51 15.16 16.32
N ILE A 280 4.14 14.75 15.11
CA ILE A 280 2.74 14.65 14.73
C ILE A 280 2.44 13.20 14.35
N ASP A 281 1.44 12.63 14.99
CA ASP A 281 1.08 11.26 14.70
C ASP A 281 -0.24 10.87 15.31
N TYR A 282 -0.81 9.77 14.84
CA TYR A 282 -1.99 9.23 15.47
C TYR A 282 -1.58 8.47 16.74
N GLY A 283 -2.30 8.72 17.82
CA GLY A 283 -1.92 8.15 19.11
C GLY A 283 -2.75 8.61 20.30
N TYR A 284 -2.24 8.35 21.50
CA TYR A 284 -2.96 8.70 22.72
C TYR A 284 -2.08 9.39 23.76
N ASP A 285 -2.73 10.14 24.66
CA ASP A 285 -2.07 10.76 25.79
C ASP A 285 -2.10 9.77 26.97
N LYS A 286 -1.62 8.56 26.73
CA LYS A 286 -1.60 7.50 27.72
C LYS A 286 -0.85 6.29 27.15
N ILE A 287 -0.55 5.33 28.02
CA ILE A 287 0.07 4.09 27.58
C ILE A 287 -0.91 3.35 26.68
N VAL A 288 -0.40 2.86 25.55
CA VAL A 288 -1.20 2.13 24.59
C VAL A 288 -1.13 0.64 24.91
N LYS A 289 -2.29 0.05 25.17
CA LYS A 289 -2.37 -1.35 25.52
C LYS A 289 -2.20 -2.24 24.30
N SER A 290 -2.91 -1.93 23.23
CA SER A 290 -2.91 -2.76 22.03
C SER A 290 -3.28 -1.94 20.80
N SER A 291 -2.37 -1.88 19.83
CA SER A 291 -2.59 -1.11 18.61
C SER A 291 -1.81 -1.59 17.37
N LEU A 292 -0.81 -2.44 17.55
CA LEU A 292 -0.06 -2.96 16.40
C LEU A 292 -1.02 -3.51 15.34
N GLN A 293 -0.95 -2.97 14.14
CA GLN A 293 -1.85 -3.36 13.05
C GLN A 293 -1.07 -3.60 11.76
N ALA A 294 -1.62 -4.48 10.92
CA ALA A 294 -1.01 -4.86 9.66
C ALA A 294 -2.01 -4.62 8.53
N ILE A 295 -1.64 -3.75 7.59
CA ILE A 295 -2.48 -3.46 6.43
C ILE A 295 -1.81 -3.94 5.15
N ARG A 296 -2.58 -4.60 4.30
CA ARG A 296 -2.12 -5.14 3.02
C ARG A 296 -3.20 -4.89 1.97
N ASP A 297 -2.82 -4.21 0.89
CA ASP A 297 -3.77 -3.76 -0.15
C ASP A 297 -5.00 -3.09 0.45
N HIS A 298 -4.76 -2.16 1.37
CA HIS A 298 -5.83 -1.40 2.02
C HIS A 298 -6.83 -2.28 2.78
N GLU A 299 -6.36 -3.43 3.26
CA GLU A 299 -7.18 -4.30 4.10
C GLU A 299 -6.42 -4.72 5.35
N PHE A 300 -7.11 -4.73 6.47
CA PHE A 300 -6.53 -5.18 7.73
C PHE A 300 -6.36 -6.69 7.66
N VAL A 301 -5.16 -7.15 7.97
CA VAL A 301 -4.83 -8.57 7.94
C VAL A 301 -4.10 -8.94 9.22
N ASP A 302 -3.97 -10.23 9.49
CA ASP A 302 -3.24 -10.69 10.66
C ASP A 302 -1.75 -10.39 10.54
N ILE A 303 -1.17 -9.94 11.65
CA ILE A 303 0.26 -9.60 11.72
C ILE A 303 1.15 -10.75 11.24
N LEU A 304 0.76 -11.99 11.56
CA LEU A 304 1.56 -13.17 11.21
C LEU A 304 1.10 -13.84 9.93
N ASP A 305 0.29 -13.16 9.12
CA ASP A 305 -0.16 -13.67 7.83
C ASP A 305 0.80 -13.18 6.74
N LYS A 306 1.67 -14.07 6.27
CA LYS A 306 2.71 -13.71 5.30
C LYS A 306 3.48 -12.44 5.69
N PRO A 307 4.18 -12.48 6.84
CA PRO A 307 4.97 -11.34 7.28
C PRO A 307 5.89 -10.85 6.18
N GLY A 308 6.08 -9.53 6.10
CA GLY A 308 6.83 -8.94 5.01
C GLY A 308 5.92 -8.45 3.87
N THR A 309 4.74 -9.05 3.71
CA THR A 309 3.81 -8.60 2.67
C THR A 309 2.84 -7.51 3.10
N ALA A 310 2.89 -7.10 4.38
CA ALA A 310 1.95 -6.10 4.90
C ALA A 310 2.66 -5.05 5.73
N ASP A 311 2.12 -3.84 5.70
CA ASP A 311 2.71 -2.72 6.41
C ASP A 311 2.24 -2.75 7.86
N LEU A 312 3.20 -2.60 8.77
CA LEU A 312 2.90 -2.64 10.19
C LEU A 312 2.92 -1.23 10.74
N SER A 313 2.02 -0.95 11.68
CA SER A 313 1.99 0.36 12.31
C SER A 313 1.40 0.30 13.71
N VAL A 314 1.68 1.34 14.46
CA VAL A 314 1.35 1.41 15.88
C VAL A 314 0.74 2.79 16.15
N TRP A 315 -0.15 2.88 17.13
CA TRP A 315 -0.62 4.16 17.64
C TRP A 315 0.38 4.66 18.69
N VAL A 316 0.76 5.93 18.59
CA VAL A 316 1.87 6.46 19.36
C VAL A 316 1.46 6.78 20.80
N ASP A 317 2.30 6.35 21.74
CA ASP A 317 2.14 6.68 23.15
C ASP A 317 2.84 8.01 23.40
N PHE A 318 2.07 9.10 23.45
CA PHE A 318 2.65 10.44 23.62
C PHE A 318 3.04 10.71 25.07
N GLN A 319 2.35 10.06 25.99
CA GLN A 319 2.60 10.23 27.42
C GLN A 319 4.01 9.80 27.83
N THR A 320 4.42 8.62 27.39
CA THR A 320 5.71 8.07 27.77
C THR A 320 6.84 8.87 27.13
N ILE A 321 6.61 9.42 25.94
CA ILE A 321 7.56 10.34 25.33
C ILE A 321 7.73 11.56 26.22
N ARG A 322 6.61 12.18 26.60
CA ARG A 322 6.65 13.36 27.46
C ARG A 322 7.41 13.10 28.77
N LYS A 323 7.03 12.02 29.45
CA LYS A 323 7.64 11.67 30.74
C LYS A 323 9.13 11.38 30.59
N THR A 324 9.49 10.70 29.51
CA THR A 324 10.88 10.35 29.24
C THR A 324 11.73 11.60 29.05
N VAL A 325 11.25 12.54 28.22
CA VAL A 325 11.95 13.80 28.03
C VAL A 325 12.13 14.49 29.39
N LYS A 326 11.02 14.67 30.10
CA LYS A 326 11.08 15.36 31.40
C LYS A 326 12.07 14.72 32.38
N LEU A 327 12.17 13.39 32.34
CA LEU A 327 13.06 12.65 33.23
C LEU A 327 14.54 12.89 32.95
N LEU A 328 14.89 13.50 31.82
CA LEU A 328 16.27 13.91 31.58
C LEU A 328 16.70 15.01 32.56
N LYS A 329 15.74 15.76 33.10
CA LYS A 329 16.03 16.83 34.05
C LYS A 329 17.11 17.80 33.54
N ASN A 330 17.02 18.16 32.26
CA ASN A 330 17.92 19.17 31.68
C ASN A 330 17.08 20.36 31.18
N LYS A 331 17.63 21.21 30.30
CA LYS A 331 16.90 22.40 29.84
C LYS A 331 15.71 22.08 28.94
N SER A 332 15.63 20.85 28.45
CA SER A 332 14.53 20.45 27.57
C SER A 332 13.30 20.08 28.37
N THR A 333 12.18 20.04 27.68
CA THR A 333 10.92 19.54 28.20
C THR A 333 10.02 19.19 27.02
N ALA A 334 8.88 18.58 27.31
CA ALA A 334 7.91 18.21 26.28
C ALA A 334 6.55 18.74 26.68
N ILE A 335 6.01 19.64 25.86
CA ILE A 335 4.68 20.19 26.16
C ILE A 335 3.66 19.28 25.49
N GLY A 336 2.75 18.77 26.34
CA GLY A 336 2.03 17.51 26.11
C GLY A 336 1.14 17.55 24.90
N PRO A 337 0.60 16.39 24.51
CA PRO A 337 -0.12 16.28 23.24
C PRO A 337 -1.33 17.21 23.16
N VAL A 338 -1.50 17.87 22.02
CA VAL A 338 -2.74 18.56 21.70
C VAL A 338 -3.25 18.03 20.36
N ASP A 339 -4.56 18.03 20.17
CA ASP A 339 -5.17 17.48 18.97
C ASP A 339 -4.77 18.25 17.72
N GLN A 340 -4.69 17.55 16.59
CA GLN A 340 -4.28 18.16 15.33
C GLN A 340 -5.23 19.28 14.91
N GLY A 341 -6.53 19.04 15.03
CA GLY A 341 -7.52 20.06 14.71
C GLY A 341 -7.27 21.36 15.47
N ILE A 342 -7.10 21.21 16.78
CA ILE A 342 -6.89 22.33 17.67
C ILE A 342 -5.57 23.04 17.34
N PHE A 343 -4.51 22.27 17.13
CA PHE A 343 -3.21 22.81 16.76
C PHE A 343 -3.28 23.67 15.48
N LEU A 344 -3.84 23.09 14.42
CA LEU A 344 -3.88 23.74 13.12
C LEU A 344 -4.78 24.98 13.12
N LYS A 345 -5.88 24.91 13.87
CA LYS A 345 -6.71 26.10 14.05
C LYS A 345 -5.92 27.17 14.79
N GLU A 346 -5.22 26.78 15.85
CA GLU A 346 -4.42 27.72 16.62
C GLU A 346 -3.28 28.34 15.78
N GLY A 348 -3.72 29.16 12.65
CA GLY A 348 -4.40 30.06 11.71
C GLY A 348 -4.80 29.42 10.40
N ILE A 349 -5.06 28.12 10.42
CA ILE A 349 -5.45 27.41 9.20
C ILE A 349 -6.74 27.93 8.56
N GLU A 350 -7.67 28.43 9.35
CA GLU A 350 -8.96 28.90 8.81
C GLU A 350 -8.77 30.18 7.99
N HIS A 351 -7.98 31.10 8.52
CA HIS A 351 -7.65 32.33 7.81
C HIS A 351 -6.98 32.00 6.47
N ARG A 352 -6.01 31.07 6.51
CA ARG A 352 -5.28 30.70 5.29
C ARG A 352 -6.23 30.04 4.27
N LEU A 353 -7.09 29.14 4.75
CA LEU A 353 -8.12 28.52 3.95
C LEU A 353 -8.94 29.59 3.21
N ALA A 354 -9.37 30.61 3.93
CA ALA A 354 -10.14 31.71 3.32
C ALA A 354 -9.32 32.43 2.23
N GLN A 355 -8.06 32.73 2.55
CA GLN A 355 -7.20 33.45 1.60
C GLN A 355 -6.94 32.71 0.30
N ILE A 356 -6.62 31.42 0.42
CA ILE A 356 -6.40 30.55 -0.73
C ILE A 356 -7.68 30.41 -1.53
N GLY A 357 -8.79 30.12 -0.84
CA GLY A 357 -10.10 30.03 -1.46
C GLY A 357 -10.46 31.25 -2.28
N ARG A 358 -10.07 32.43 -1.79
CA ARG A 358 -10.31 33.68 -2.53
C ARG A 358 -9.45 33.83 -3.79
N LYS A 359 -8.19 33.39 -3.72
CA LYS A 359 -7.34 33.39 -4.91
C LYS A 359 -7.78 32.38 -5.97
N LEU A 360 -8.28 31.22 -5.53
CA LEU A 360 -8.88 30.28 -6.47
C LEU A 360 -10.11 30.90 -7.11
N ASP A 361 -10.35 30.55 -8.37
CA ASP A 361 -11.53 31.01 -9.08
C ASP A 361 -12.49 29.85 -9.37
N SER A 362 -12.01 28.61 -9.28
CA SER A 362 -12.84 27.43 -9.55
C SER A 362 -13.62 26.98 -8.32
N ASN A 363 -14.89 26.63 -8.54
CA ASN A 363 -15.73 26.06 -7.50
C ASN A 363 -15.25 24.66 -7.12
N GLU A 364 -14.85 23.88 -8.12
CA GLU A 364 -14.31 22.53 -7.89
C GLU A 364 -13.04 22.57 -7.05
N LYS A 365 -12.12 23.46 -7.42
CA LYS A 365 -10.88 23.62 -6.67
C LYS A 365 -11.16 24.05 -5.23
N PHE A 366 -12.12 24.96 -5.06
CA PHE A 366 -12.48 25.40 -3.71
C PHE A 366 -13.05 24.25 -2.87
N GLU A 367 -13.93 23.46 -3.49
CA GLU A 367 -14.53 22.33 -2.81
C GLU A 367 -13.46 21.34 -2.37
N GLU A 368 -12.51 21.03 -3.27
CA GLU A 368 -11.36 20.18 -2.91
C GLU A 368 -10.63 20.73 -1.70
N LEU A 369 -10.29 22.02 -1.75
CA LEU A 369 -9.57 22.67 -0.66
C LEU A 369 -10.28 22.49 0.68
N VAL A 370 -11.60 22.71 0.67
CA VAL A 370 -12.40 22.60 1.90
C VAL A 370 -12.48 21.16 2.39
N GLY A 372 -10.18 18.89 2.00
CA GLY A 372 -8.88 18.67 2.62
C GLY A 372 -8.78 19.26 4.00
N TYR A 373 -9.19 20.51 4.13
CA TYR A 373 -9.25 21.17 5.43
C TYR A 373 -10.02 20.32 6.45
N LYS A 374 -11.23 19.90 6.05
CA LYS A 374 -12.08 19.10 6.92
C LYS A 374 -11.44 17.78 7.29
N LYS A 375 -10.75 17.15 6.35
CA LYS A 375 -10.06 15.89 6.65
C LYS A 375 -8.97 16.11 7.70
N LEU A 376 -8.26 17.23 7.60
CA LEU A 376 -7.23 17.58 8.58
C LEU A 376 -7.77 17.88 9.98
N VAL A 377 -8.89 18.60 10.08
CA VAL A 377 -9.32 19.16 11.37
C VAL A 377 -10.59 18.55 12.00
N ASP A 378 -11.44 17.89 11.22
CA ASP A 378 -12.69 17.35 11.79
C ASP A 378 -12.37 16.24 12.79
N PRO A 379 -13.17 16.14 13.86
CA PRO A 379 -12.94 15.11 14.87
C PRO A 379 -13.16 13.70 14.34
N LYS A 380 -14.10 13.54 13.42
CA LYS A 380 -14.37 12.23 12.81
C LYS A 380 -13.41 11.90 11.67
N GLU A 381 -12.58 12.87 11.28
CA GLU A 381 -11.47 12.62 10.35
C GLU A 381 -10.15 12.50 11.12
N GLY A 383 -8.63 15.03 12.84
CA GLY A 383 -8.52 16.11 13.82
C GLY A 383 -8.29 15.73 15.25
N THR A 384 -8.82 14.57 15.66
CA THR A 384 -8.69 14.08 17.02
C THR A 384 -7.72 12.90 17.16
N ASN A 385 -7.78 11.94 16.23
CA ASN A 385 -6.87 10.80 16.26
C ASN A 385 -5.42 11.26 16.15
N TYR A 386 -5.17 12.20 15.23
CA TYR A 386 -3.84 12.78 15.08
C TYR A 386 -3.61 13.83 16.13
N LYS A 387 -2.41 13.79 16.71
CA LYS A 387 -2.01 14.66 17.79
C LYS A 387 -0.58 15.15 17.57
N VAL A 388 -0.30 16.27 18.24
CA VAL A 388 0.92 17.02 18.10
C VAL A 388 1.54 17.18 19.48
N ILE A 389 2.83 16.86 19.59
CA ILE A 389 3.56 17.12 20.82
C ILE A 389 4.87 17.83 20.46
N THR A 390 5.35 18.70 21.35
CA THR A 390 6.62 19.39 21.08
C THR A 390 7.66 19.11 22.15
N ILE A 391 8.91 18.97 21.68
CA ILE A 391 10.06 18.88 22.56
C ILE A 391 10.84 20.17 22.37
N CYS A 392 11.12 20.89 23.47
CA CYS A 392 11.65 22.23 23.34
C CYS A 392 12.37 22.71 24.61
N ASP A 393 12.93 23.91 24.54
CA ASP A 393 13.58 24.53 25.70
C ASP A 393 12.52 25.01 26.69
N LYS A 394 12.68 24.60 27.95
CA LYS A 394 11.82 25.07 29.06
C LYS A 394 11.51 26.55 29.01
N ASN A 395 12.53 27.35 28.72
CA ASN A 395 12.43 28.81 28.78
C ASN A 395 11.90 29.46 27.49
N ILE A 396 11.55 28.69 26.48
CA ILE A 396 10.97 29.28 25.26
C ILE A 396 9.59 28.69 25.02
N THR A 397 8.57 29.55 25.03
CA THR A 397 7.18 29.10 24.97
C THR A 397 6.87 28.55 23.58
N PRO A 398 6.30 27.33 23.52
CA PRO A 398 6.00 26.73 22.23
C PRO A 398 4.89 27.49 21.51
N ILE A 399 4.89 27.40 20.19
CA ILE A 399 3.84 27.99 19.38
C ILE A 399 2.78 26.92 19.07
N GLY A 400 1.52 27.22 19.38
CA GLY A 400 0.40 26.35 19.03
C GLY A 400 -0.06 25.41 20.13
N PHE A 401 0.44 25.61 21.35
CA PHE A 401 0.15 24.68 22.45
C PHE A 401 -0.57 25.32 23.63
N SER A 402 -1.34 26.38 23.37
CA SER A 402 -2.07 27.05 24.44
C SER A 402 -3.04 26.11 25.16
N THR A 403 -3.55 25.09 24.45
CA THR A 403 -4.48 24.11 25.03
C THR A 403 -3.80 22.89 25.65
N SER A 404 -2.47 22.89 25.75
CA SER A 404 -1.77 21.77 26.36
C SER A 404 -2.06 21.71 27.86
N LYS A 405 -2.11 20.50 28.41
CA LYS A 405 -2.41 20.28 29.82
C LYS A 405 -1.19 20.42 30.70
N THR A 406 -1.37 20.30 32.01
CA THR A 406 -0.29 20.58 32.96
C THR A 406 0.42 19.39 33.60
N TYR A 407 -0.26 18.26 33.82
CA TYR A 407 0.36 17.08 34.45
C TYR A 407 1.20 17.33 35.72
N ASP A 408 0.50 17.43 36.85
CA ASP A 408 1.13 17.75 38.14
C ASP A 408 2.09 16.66 38.58
N ASP A 409 1.59 15.42 38.61
CA ASP A 409 2.37 14.25 39.03
C ASP A 409 3.80 14.20 38.48
N GLU A 410 4.02 14.76 37.29
CA GLU A 410 5.30 14.61 36.62
C GLU A 410 6.14 15.89 36.54
N ASP A 411 5.69 16.98 37.16
CA ASP A 411 6.39 18.25 36.97
C ASP A 411 7.17 18.78 38.19
N LEU A 412 8.49 18.62 38.11
CA LEU A 412 9.49 19.18 39.02
C LEU A 412 9.31 18.82 40.50
N LYS B 13 -4.01 18.22 -11.73
CA LYS B 13 -4.98 18.36 -12.86
C LYS B 13 -4.69 19.63 -13.65
N TYR B 14 -4.99 19.59 -14.94
CA TYR B 14 -4.76 20.72 -15.84
C TYR B 14 -5.56 20.49 -17.12
N PRO B 15 -5.80 21.53 -17.92
CA PRO B 15 -6.54 21.34 -19.19
C PRO B 15 -5.84 20.35 -20.13
N ILE B 16 -6.62 19.61 -20.91
CA ILE B 16 -6.03 18.56 -21.77
C ILE B 16 -5.19 19.18 -22.90
N THR B 17 -4.03 18.62 -23.15
CA THR B 17 -2.93 19.30 -23.87
C THR B 17 -2.95 19.32 -25.41
N ASP B 18 -4.06 19.07 -26.07
CA ASP B 18 -4.07 18.98 -27.55
C ASP B 18 -3.24 17.81 -28.11
N PHE B 19 -1.96 17.68 -27.82
CA PHE B 19 -1.33 16.42 -28.24
C PHE B 19 -1.50 15.29 -27.23
N GLU B 20 -2.02 15.57 -26.05
CA GLU B 20 -2.65 14.50 -25.27
C GLU B 20 -3.92 14.01 -25.96
N LYS B 21 -4.73 14.93 -26.50
CA LYS B 21 -5.88 14.55 -27.35
C LYS B 21 -5.43 13.67 -28.51
N TYR B 22 -4.41 14.12 -29.22
CA TYR B 22 -3.85 13.40 -30.37
C TYR B 22 -3.41 11.98 -29.99
N LEU B 23 -2.69 11.86 -28.87
CA LEU B 23 -2.23 10.54 -28.41
C LEU B 23 -3.38 9.62 -28.00
N GLN B 24 -4.32 10.18 -27.24
CA GLN B 24 -5.55 9.48 -26.89
C GLN B 24 -6.21 8.90 -28.13
N ASP B 25 -6.30 9.71 -29.19
CA ASP B 25 -6.94 9.26 -30.43
C ASP B 25 -6.22 8.10 -31.10
N ILE B 26 -4.90 8.06 -31.00
CA ILE B 26 -4.15 6.91 -31.47
C ILE B 26 -4.60 5.68 -30.68
N THR B 27 -4.75 5.81 -29.36
CA THR B 27 -5.17 4.64 -28.57
C THR B 27 -6.62 4.23 -28.86
N LYS B 28 -7.45 5.17 -29.26
CA LYS B 28 -8.83 4.87 -29.66
C LYS B 28 -8.91 4.09 -30.96
N VAL B 29 -8.05 4.43 -31.93
CA VAL B 29 -8.09 3.75 -33.25
C VAL B 29 -7.25 2.47 -33.32
N ARG B 30 -6.12 2.44 -32.62
CA ARG B 30 -5.20 1.30 -32.68
C ARG B 30 -4.99 0.58 -31.34
N GLY B 31 -5.62 1.04 -30.27
CA GLY B 31 -5.39 0.45 -28.94
C GLY B 31 -4.14 1.01 -28.28
N PRO B 32 -3.89 0.62 -27.02
CA PRO B 32 -2.74 1.15 -26.26
C PRO B 32 -1.42 1.01 -27.01
N SER B 34 2.88 1.03 -27.51
CA SER B 34 4.08 0.63 -26.77
C SER B 34 4.80 1.85 -26.22
N ILE B 35 5.63 1.65 -25.22
CA ILE B 35 6.43 2.75 -24.67
C ILE B 35 7.41 3.26 -25.73
N ASP B 36 7.86 2.37 -26.61
CA ASP B 36 8.73 2.73 -27.74
C ASP B 36 8.03 3.75 -28.65
N THR B 37 6.80 3.43 -29.06
CA THR B 37 6.00 4.32 -29.89
C THR B 37 5.75 5.65 -29.17
N PHE B 38 5.42 5.55 -27.88
CA PHE B 38 5.16 6.73 -27.06
C PHE B 38 6.35 7.67 -27.04
N ILE B 39 7.54 7.14 -26.79
CA ILE B 39 8.75 7.94 -26.75
C ILE B 39 9.03 8.56 -28.13
N LYS B 40 8.94 7.76 -29.19
CA LYS B 40 9.11 8.29 -30.55
C LYS B 40 8.19 9.50 -30.78
N GLU B 41 6.91 9.36 -30.45
CA GLU B 41 5.96 10.46 -30.62
C GLU B 41 6.41 11.67 -29.79
N VAL B 42 6.54 11.45 -28.49
CA VAL B 42 6.84 12.52 -27.52
C VAL B 42 8.06 13.35 -27.92
N LEU B 43 9.10 12.69 -28.39
CA LEU B 43 10.29 13.41 -28.80
C LEU B 43 10.14 14.04 -30.19
N THR B 44 9.70 13.22 -31.16
CA THR B 44 9.85 13.55 -32.58
C THR B 44 8.55 13.72 -33.40
N ASN B 45 7.45 14.05 -32.74
CA ASN B 45 6.22 14.39 -33.45
C ASN B 45 6.44 15.72 -34.17
N PRO B 46 6.08 15.81 -35.47
CA PRO B 46 6.30 17.05 -36.23
C PRO B 46 5.73 18.32 -35.58
N LYS B 47 4.50 18.23 -35.09
CA LYS B 47 3.79 19.40 -34.58
C LYS B 47 4.12 19.66 -33.10
N TYR B 48 4.10 18.60 -32.28
CA TYR B 48 4.16 18.71 -30.82
C TYR B 48 5.43 18.15 -30.16
N GLY B 49 6.33 17.54 -30.92
CA GLY B 49 7.51 16.89 -30.35
C GLY B 49 8.36 17.81 -29.50
N TYR B 50 8.98 17.25 -28.45
CA TYR B 50 9.87 18.04 -27.57
C TYR B 50 11.15 18.43 -28.32
N TYR B 51 11.81 17.44 -28.93
CA TYR B 51 13.00 17.71 -29.74
C TYR B 51 12.69 18.61 -30.94
N ASN B 53 10.41 21.51 -33.22
CA ASN B 53 9.92 22.88 -33.05
C ASN B 53 9.67 23.41 -31.62
N LYS B 54 10.75 23.62 -30.86
CA LYS B 54 10.71 24.42 -29.62
C LYS B 54 12.08 25.11 -29.40
N ASP B 55 13.14 24.31 -29.24
CA ASP B 55 14.53 24.79 -29.18
C ASP B 55 14.75 25.93 -28.15
N VAL B 56 15.66 26.87 -28.43
CA VAL B 56 16.00 28.02 -27.54
C VAL B 56 15.68 27.87 -26.03
N PHE B 57 16.58 27.25 -25.28
CA PHE B 57 16.31 26.78 -23.90
C PHE B 57 17.45 27.14 -22.91
N GLY B 58 18.57 26.42 -22.94
CA GLY B 58 19.67 26.65 -22.02
C GLY B 58 20.99 26.48 -22.74
N LYS B 59 21.67 27.60 -23.01
CA LYS B 59 22.95 27.67 -23.73
C LYS B 59 23.00 27.04 -25.14
N GLY B 60 22.54 25.80 -25.27
CA GLY B 60 22.57 25.10 -26.56
C GLY B 60 22.83 23.62 -26.39
N GLY B 61 21.84 22.95 -25.80
CA GLY B 61 21.92 21.52 -25.49
C GLY B 61 21.56 21.20 -24.06
N ASP B 62 21.41 22.24 -23.23
CA ASP B 62 21.06 22.10 -21.79
C ASP B 62 22.22 21.50 -20.98
N PHE B 63 22.30 20.17 -20.95
CA PHE B 63 23.26 19.46 -20.11
C PHE B 63 24.48 19.12 -20.94
N ILE B 64 25.66 19.30 -20.33
CA ILE B 64 26.92 19.24 -21.04
C ILE B 64 27.31 17.78 -21.31
N THR B 65 27.68 17.48 -22.57
CA THR B 65 28.14 16.13 -22.92
C THR B 65 29.65 15.98 -22.79
N ALA B 66 30.13 14.74 -22.76
CA ALA B 66 31.55 14.47 -22.54
C ALA B 66 32.50 15.25 -23.48
N PRO B 67 32.19 15.32 -24.80
CA PRO B 67 33.03 16.12 -25.70
C PRO B 67 33.07 17.62 -25.36
N GLU B 68 31.94 18.14 -24.90
CA GLU B 68 31.80 19.56 -24.56
C GLU B 68 32.50 19.88 -23.23
N VAL B 69 32.69 18.86 -22.39
CA VAL B 69 33.43 19.01 -21.12
C VAL B 69 34.92 19.28 -21.32
N SER B 70 35.55 18.59 -22.27
CA SER B 70 36.98 18.74 -22.51
C SER B 70 37.43 18.20 -23.87
N GLN B 71 38.34 18.93 -24.50
CA GLN B 71 39.07 18.45 -25.69
C GLN B 71 39.82 17.14 -25.42
N LEU B 72 40.18 16.91 -24.15
CA LEU B 72 40.83 15.66 -23.75
C LEU B 72 40.03 14.45 -24.21
N PHE B 73 38.70 14.51 -24.06
CA PHE B 73 37.85 13.38 -24.42
C PHE B 73 37.96 13.06 -25.90
N GLY B 74 37.78 14.08 -26.74
CA GLY B 74 37.90 13.95 -28.18
C GLY B 74 39.25 13.45 -28.62
N GLU B 75 40.31 13.96 -27.99
CA GLU B 75 41.68 13.53 -28.34
C GLU B 75 41.93 12.06 -27.98
N ILE B 77 39.56 9.72 -27.81
CA ILE B 77 38.79 8.95 -28.79
C ILE B 77 39.52 8.90 -30.15
N GLY B 78 40.19 10.00 -30.51
CA GLY B 78 41.02 10.02 -31.72
C GLY B 78 42.16 9.00 -31.65
N ILE B 79 42.85 8.97 -30.51
CA ILE B 79 43.91 7.99 -30.30
C ILE B 79 43.34 6.57 -30.40
N TRP B 80 42.14 6.37 -29.87
CA TRP B 80 41.47 5.06 -30.02
C TRP B 80 41.24 4.72 -31.49
N CYS B 81 40.78 5.69 -32.27
CA CYS B 81 40.54 5.47 -33.69
C CYS B 81 41.83 5.03 -34.40
N VAL B 82 42.92 5.75 -34.14
CA VAL B 82 44.20 5.45 -34.81
C VAL B 82 44.74 4.08 -34.38
N ALA B 83 44.72 3.80 -33.08
CA ALA B 83 45.23 2.55 -32.54
C ALA B 83 44.45 1.35 -33.06
N THR B 84 43.12 1.53 -33.15
CA THR B 84 42.25 0.50 -33.69
C THR B 84 42.56 0.26 -35.17
N TRP B 85 42.63 1.34 -35.94
CA TRP B 85 43.01 1.27 -37.37
C TRP B 85 44.33 0.54 -37.58
N GLU B 86 45.31 0.79 -36.72
CA GLU B 86 46.58 0.07 -36.75
C GLU B 86 46.35 -1.41 -36.48
N ALA B 87 45.59 -1.72 -35.42
CA ALA B 87 45.28 -3.09 -35.07
C ALA B 87 44.55 -3.85 -36.18
N GLY B 89 45.29 -3.53 -39.27
CA GLY B 89 46.23 -3.66 -40.38
C GLY B 89 46.27 -2.46 -41.31
N LYS B 90 45.94 -1.28 -40.79
CA LYS B 90 46.07 -0.03 -41.54
C LYS B 90 45.41 -0.05 -42.92
N PRO B 91 44.09 -0.29 -42.99
CA PRO B 91 43.42 -0.23 -44.29
C PRO B 91 43.63 1.09 -45.01
N LYS B 92 43.73 1.03 -46.33
CA LYS B 92 43.91 2.22 -47.17
C LYS B 92 42.65 3.09 -47.21
N LYS B 93 41.48 2.46 -47.00
CA LYS B 93 40.22 3.18 -46.87
C LYS B 93 39.56 2.83 -45.54
N LEU B 94 39.28 3.85 -44.74
CA LEU B 94 38.55 3.70 -43.50
C LEU B 94 37.38 4.68 -43.46
N GLN B 95 36.18 4.15 -43.23
CA GLN B 95 35.03 5.00 -42.92
C GLN B 95 34.99 5.23 -41.41
N ILE B 96 34.70 6.46 -41.01
CA ILE B 96 34.41 6.75 -39.61
C ILE B 96 32.97 7.27 -39.54
N VAL B 97 32.11 6.49 -38.88
CA VAL B 97 30.70 6.78 -38.76
C VAL B 97 30.42 7.25 -37.35
N GLU B 98 29.70 8.37 -37.20
CA GLU B 98 29.21 8.77 -35.87
C GLU B 98 27.68 8.78 -35.80
N GLY B 100 24.53 10.21 -34.11
CA GLY B 100 24.14 11.38 -33.33
C GLY B 100 25.31 12.24 -32.87
N PRO B 101 25.96 12.95 -33.79
CA PRO B 101 27.17 13.71 -33.48
C PRO B 101 27.01 14.99 -32.65
N GLY B 102 25.81 15.30 -32.18
CA GLY B 102 25.60 16.50 -31.37
C GLY B 102 25.87 17.76 -32.18
N ARG B 103 26.78 18.59 -31.69
CA ARG B 103 27.20 19.79 -32.39
C ARG B 103 28.39 19.53 -33.34
N GLY B 104 28.85 18.29 -33.41
CA GLY B 104 30.03 17.94 -34.20
C GLY B 104 31.35 18.14 -33.46
N THR B 105 31.27 18.37 -32.16
CA THR B 105 32.44 18.67 -31.33
C THR B 105 33.41 17.50 -31.23
N LEU B 106 32.89 16.30 -30.93
CA LEU B 106 33.75 15.12 -30.85
C LEU B 106 34.51 14.91 -32.15
N LYS B 108 35.05 16.99 -34.60
CA LYS B 108 35.99 18.07 -34.84
C LYS B 108 37.31 17.87 -34.06
N ASP B 109 37.20 17.50 -32.78
CA ASP B 109 38.39 17.24 -31.96
C ASP B 109 39.22 16.07 -32.48
N ILE B 110 38.54 15.01 -32.95
CA ILE B 110 39.23 13.87 -33.55
C ILE B 110 40.00 14.30 -34.80
N LEU B 111 39.29 14.94 -35.72
CA LEU B 111 39.90 15.37 -36.99
C LEU B 111 41.03 16.39 -36.80
N ARG B 112 40.95 17.20 -35.75
CA ARG B 112 42.06 18.09 -35.42
C ARG B 112 43.24 17.26 -34.94
N SER B 113 43.04 16.55 -33.82
CA SER B 113 44.13 15.91 -33.10
C SER B 113 44.82 14.76 -33.84
N THR B 114 44.10 14.11 -34.76
CA THR B 114 44.67 12.99 -35.51
C THR B 114 45.35 13.42 -36.82
N LYS B 115 45.28 14.70 -37.17
CA LYS B 115 45.91 15.21 -38.41
C LYS B 115 47.38 14.79 -38.55
N VAL B 116 48.10 14.79 -37.43
CA VAL B 116 49.53 14.47 -37.41
C VAL B 116 49.87 13.07 -37.93
N PHE B 117 48.93 12.12 -37.79
CA PHE B 117 49.16 10.76 -38.26
C PHE B 117 48.82 10.68 -39.75
N LYS B 118 49.82 10.91 -40.62
CA LYS B 118 49.58 11.09 -42.06
C LYS B 118 48.91 9.89 -42.71
N GLU B 119 49.48 8.72 -42.47
CA GLU B 119 48.98 7.50 -43.11
C GLU B 119 47.52 7.23 -42.74
N PHE B 120 47.20 7.44 -41.46
CA PHE B 120 45.81 7.31 -40.97
C PHE B 120 44.91 8.37 -41.61
N TYR B 121 45.32 9.63 -41.49
CA TYR B 121 44.52 10.76 -41.97
C TYR B 121 44.24 10.68 -43.48
N ASP B 122 45.15 10.05 -44.22
CA ASP B 122 44.96 9.85 -45.67
C ASP B 122 43.91 8.79 -45.99
N SER B 123 43.64 7.90 -45.05
CA SER B 123 42.72 6.80 -45.31
C SER B 123 41.27 7.08 -44.93
N ILE B 124 41.03 8.12 -44.12
CA ILE B 124 39.69 8.31 -43.53
C ILE B 124 38.71 9.13 -44.36
N SER B 125 37.44 8.73 -44.34
CA SER B 125 36.34 9.62 -44.71
C SER B 125 35.32 9.56 -43.57
N VAL B 126 34.47 10.58 -43.46
CA VAL B 126 33.53 10.69 -42.34
C VAL B 126 32.07 10.59 -42.78
N HIS B 127 31.28 9.86 -42.00
CA HIS B 127 29.85 9.71 -42.21
C HIS B 127 29.10 9.96 -40.91
N LEU B 128 28.19 10.93 -40.94
CA LEU B 128 27.43 11.31 -39.77
C LEU B 128 25.98 10.88 -39.95
N VAL B 129 25.48 10.12 -38.97
CA VAL B 129 24.10 9.68 -38.97
C VAL B 129 23.30 10.62 -38.08
N GLU B 130 22.43 11.41 -38.69
CA GLU B 130 21.76 12.52 -38.03
C GLU B 130 20.37 12.75 -38.61
N ALA B 131 19.36 12.65 -37.74
CA ALA B 131 17.97 12.83 -38.14
C ALA B 131 17.51 14.28 -38.06
N SER B 132 18.04 15.04 -37.10
CA SER B 132 17.62 16.44 -36.91
C SER B 132 18.25 17.39 -37.94
N PRO B 133 17.42 18.13 -38.69
CA PRO B 133 17.95 19.17 -39.60
C PRO B 133 18.72 20.27 -38.87
N ALA B 134 18.26 20.64 -37.67
CA ALA B 134 18.94 21.63 -36.84
C ALA B 134 20.36 21.20 -36.52
N ASN B 135 20.48 19.96 -36.06
CA ASN B 135 21.78 19.36 -35.78
C ASN B 135 22.64 19.30 -37.04
N LYS B 136 22.07 18.89 -38.17
CA LYS B 136 22.82 18.86 -39.44
C LYS B 136 23.42 20.23 -39.76
N LYS B 137 22.62 21.28 -39.61
CA LYS B 137 23.08 22.63 -39.87
C LYS B 137 24.24 23.01 -38.96
N THR B 138 24.07 22.74 -37.66
CA THR B 138 25.12 23.06 -36.69
C THR B 138 26.42 22.30 -36.99
N GLN B 139 26.30 21.02 -37.28
CA GLN B 139 27.45 20.16 -37.58
C GLN B 139 28.18 20.62 -38.83
N LYS B 140 27.42 20.99 -39.86
CA LYS B 140 28.00 21.49 -41.11
C LYS B 140 28.74 22.80 -40.91
N GLN B 141 28.10 23.72 -40.19
CA GLN B 141 28.72 24.99 -39.84
C GLN B 141 29.98 24.79 -39.01
N ASN B 142 29.99 23.75 -38.19
CA ASN B 142 31.09 23.49 -37.30
C ASN B 142 32.26 22.75 -37.97
N LEU B 143 31.98 22.00 -39.04
CA LEU B 143 32.98 21.09 -39.64
C LEU B 143 33.46 21.44 -41.05
N LEU B 144 32.64 22.16 -41.83
CA LEU B 144 32.93 22.30 -43.26
C LEU B 144 33.62 23.60 -43.66
N TYR B 145 34.40 23.51 -44.73
CA TYR B 145 35.10 24.65 -45.31
C TYR B 145 34.35 25.03 -46.56
N PHE B 146 33.97 26.30 -46.71
CA PHE B 146 33.16 26.73 -47.86
C PHE B 146 33.93 27.65 -48.80
N LYS B 147 34.13 27.22 -50.04
CA LYS B 147 34.83 28.00 -51.06
C LYS B 147 33.87 28.86 -51.86
N ASP B 148 32.58 28.53 -51.83
CA ASP B 148 31.60 29.14 -52.72
C ASP B 148 30.59 30.05 -52.02
N LYS B 149 29.96 30.90 -52.83
CA LYS B 149 29.15 32.03 -52.37
C LYS B 149 27.88 31.57 -51.67
N ALA B 150 27.14 30.67 -52.32
CA ALA B 150 25.95 30.09 -51.73
C ALA B 150 25.68 28.70 -52.29
N ILE B 151 25.70 27.70 -51.43
CA ILE B 151 25.21 26.37 -51.75
C ILE B 151 24.21 26.01 -50.67
N ASN B 152 22.95 25.75 -51.04
CA ASN B 152 21.90 25.58 -50.03
C ASN B 152 21.97 24.26 -49.20
N PHE B 153 21.72 24.40 -47.90
CA PHE B 153 22.02 23.35 -46.95
C PHE B 153 21.10 22.14 -47.08
N ASP B 154 19.96 22.29 -47.74
CA ASP B 154 19.03 21.16 -47.95
C ASP B 154 19.61 20.13 -48.92
N HIS B 155 19.99 20.58 -50.11
CA HIS B 155 20.58 19.65 -51.08
C HIS B 155 22.11 19.69 -51.00
N LYS B 156 22.62 19.56 -49.78
CA LYS B 156 24.05 19.66 -49.48
C LYS B 156 24.32 18.64 -48.36
N THR B 157 24.45 17.39 -48.78
CA THR B 157 24.69 16.27 -47.88
C THR B 157 26.16 15.84 -47.85
N ILE B 158 26.99 16.41 -48.73
CA ILE B 158 28.43 16.12 -48.75
C ILE B 158 29.24 17.41 -48.64
N GLY B 159 30.37 17.33 -47.94
CA GLY B 159 31.23 18.48 -47.74
C GLY B 159 32.67 18.10 -47.49
N GLU B 160 33.51 19.12 -47.35
CA GLU B 160 34.93 18.96 -47.18
C GLU B 160 35.37 19.75 -45.94
N THR B 161 36.21 19.12 -45.13
CA THR B 161 36.81 19.72 -43.95
C THR B 161 37.90 20.71 -44.42
N PRO B 162 38.33 21.66 -43.56
CA PRO B 162 39.43 22.53 -44.01
C PRO B 162 40.73 21.78 -44.33
N ASN B 163 41.00 20.70 -43.61
CA ASN B 163 42.07 19.76 -43.95
C ASN B 163 41.76 18.83 -45.14
N GLY B 164 40.64 19.03 -45.82
CA GLY B 164 40.31 18.27 -47.01
C GLY B 164 39.72 16.89 -46.79
N ILE B 165 39.27 16.61 -45.57
CA ILE B 165 38.60 15.33 -45.26
C ILE B 165 37.14 15.37 -45.69
N LYS B 166 36.68 14.34 -46.38
CA LYS B 166 35.31 14.28 -46.86
C LYS B 166 34.34 13.95 -45.72
N VAL B 167 33.21 14.67 -45.66
CA VAL B 167 32.17 14.41 -44.66
C VAL B 167 30.79 14.31 -45.33
N THR B 168 30.11 13.19 -45.09
CA THR B 168 28.77 12.95 -45.64
C THR B 168 27.74 12.78 -44.52
N TRP B 169 26.57 13.40 -44.68
CA TRP B 169 25.46 13.26 -43.73
C TRP B 169 24.41 12.31 -44.28
N VAL B 170 23.91 11.42 -43.44
CA VAL B 170 22.77 10.56 -43.81
C VAL B 170 21.82 10.44 -42.63
N GLY B 171 20.58 10.04 -42.90
CA GLY B 171 19.54 9.94 -41.89
C GLY B 171 19.58 8.66 -41.08
N LYS B 172 19.98 7.55 -41.71
CA LYS B 172 19.99 6.25 -41.05
C LYS B 172 21.29 5.52 -41.32
N LEU B 173 21.71 4.68 -40.37
CA LEU B 173 22.90 3.84 -40.53
C LEU B 173 22.84 2.99 -41.80
N GLU B 174 21.64 2.52 -42.13
CA GLU B 174 21.40 1.74 -43.36
C GLU B 174 21.97 2.44 -44.60
N GLU B 175 21.93 3.77 -44.62
CA GLU B 175 22.40 4.52 -45.78
C GLU B 175 23.92 4.64 -45.89
N VAL B 176 24.66 4.26 -44.86
CA VAL B 176 26.12 4.36 -44.89
C VAL B 176 26.71 3.28 -45.82
N PRO B 177 27.66 3.67 -46.71
CA PRO B 177 28.24 2.65 -47.60
C PRO B 177 28.75 1.42 -46.85
N THR B 178 28.73 0.30 -47.56
CA THR B 178 28.65 -1.04 -46.99
C THR B 178 29.96 -1.87 -46.92
N ASP B 179 30.77 -1.83 -47.96
CA ASP B 179 31.88 -2.77 -48.09
C ASP B 179 33.26 -2.13 -47.92
N ILE B 180 33.41 -1.41 -46.82
CA ILE B 180 34.66 -0.70 -46.50
C ILE B 180 34.88 -0.83 -45.00
N PRO B 181 36.11 -1.11 -44.55
CA PRO B 181 36.34 -1.17 -43.11
C PRO B 181 35.85 0.09 -42.41
N THR B 182 35.15 -0.09 -41.28
CA THR B 182 34.44 1.02 -40.64
C THR B 182 34.61 1.11 -39.12
N LEU B 183 34.89 2.33 -38.65
CA LEU B 183 34.81 2.65 -37.23
C LEU B 183 33.45 3.27 -36.96
N PHE B 184 32.84 2.92 -35.83
CA PHE B 184 31.54 3.48 -35.42
C PHE B 184 31.68 4.11 -34.05
N LEU B 185 31.28 5.36 -33.92
CA LEU B 185 31.30 6.05 -32.64
C LEU B 185 29.88 6.41 -32.24
N ALA B 186 29.48 5.98 -31.04
CA ALA B 186 28.16 6.29 -30.51
C ALA B 186 28.31 6.83 -29.10
N GLN B 187 28.26 8.16 -28.98
CA GLN B 187 28.52 8.87 -27.74
C GLN B 187 27.24 9.53 -27.24
N GLU B 188 26.76 9.07 -26.08
CA GLU B 188 25.49 9.54 -25.51
C GLU B 188 24.35 9.48 -26.53
N PHE B 189 24.34 8.40 -27.30
CA PHE B 189 23.35 8.17 -28.36
C PHE B 189 22.29 7.18 -27.90
N PHE B 190 22.73 6.03 -27.40
CA PHE B 190 21.83 4.97 -26.95
C PHE B 190 20.87 5.40 -25.84
N ASP B 191 21.32 6.25 -24.92
CA ASP B 191 20.45 6.76 -23.85
C ASP B 191 19.23 7.54 -24.35
N ALA B 192 19.32 8.02 -25.60
CA ALA B 192 18.25 8.79 -26.21
C ALA B 192 17.36 7.94 -27.12
N LEU B 193 17.70 6.66 -27.33
CA LEU B 193 16.86 5.77 -28.14
C LEU B 193 15.63 5.30 -27.35
N PRO B 194 14.51 5.03 -28.05
CA PRO B 194 13.31 4.57 -27.35
C PRO B 194 13.51 3.17 -26.75
N ILE B 195 12.65 2.79 -25.83
CA ILE B 195 12.71 1.48 -25.18
C ILE B 195 11.32 0.86 -25.07
N HIS B 196 11.30 -0.44 -24.85
CA HIS B 196 10.07 -1.14 -24.51
C HIS B 196 10.17 -1.51 -23.04
N VAL B 197 9.04 -1.60 -22.37
CA VAL B 197 9.01 -2.00 -20.97
C VAL B 197 8.15 -3.25 -20.87
N PHE B 198 8.66 -4.25 -20.16
CA PHE B 198 7.97 -5.53 -20.00
C PHE B 198 7.77 -5.84 -18.53
N ARG B 199 6.69 -6.56 -18.23
CA ARG B 199 6.30 -6.89 -16.87
C ARG B 199 5.84 -8.34 -16.82
N PHE B 200 6.38 -9.10 -15.86
CA PHE B 200 6.07 -10.53 -15.77
C PHE B 200 4.78 -10.77 -14.99
N SER B 201 3.88 -11.55 -15.56
CA SER B 201 2.64 -11.96 -14.90
C SER B 201 2.78 -13.42 -14.51
N ARG B 202 2.71 -13.69 -13.20
CA ARG B 202 2.78 -15.05 -12.69
C ARG B 202 1.46 -15.78 -12.93
N GLU B 203 0.35 -15.05 -12.82
CA GLU B 203 -0.98 -15.63 -13.05
C GLU B 203 -1.23 -15.98 -14.52
N LYS B 204 -0.45 -15.40 -15.43
CA LYS B 204 -0.41 -15.83 -16.83
C LYS B 204 0.88 -16.62 -17.13
N ASN B 205 1.73 -16.76 -16.10
CA ASN B 205 3.07 -17.34 -16.20
C ASN B 205 3.83 -16.93 -17.47
N ASP B 206 3.83 -15.64 -17.76
CA ASP B 206 4.48 -15.14 -18.96
C ASP B 206 4.66 -13.63 -18.91
N TRP B 207 5.48 -13.09 -19.80
CA TRP B 207 5.70 -11.66 -19.91
C TRP B 207 4.58 -10.95 -20.68
N CYS B 208 4.25 -9.76 -20.19
CA CYS B 208 3.39 -8.82 -20.91
C CYS B 208 4.19 -7.57 -21.21
N GLU B 209 3.74 -6.78 -22.18
CA GLU B 209 4.33 -5.47 -22.42
C GLU B 209 3.53 -4.39 -21.70
N VAL B 210 4.22 -3.34 -21.26
CA VAL B 210 3.58 -2.18 -20.67
C VAL B 210 3.34 -1.14 -21.77
N LEU B 211 2.10 -0.66 -21.83
CA LEU B 211 1.62 0.21 -22.88
C LEU B 211 1.03 1.49 -22.29
N VAL B 212 0.90 2.50 -23.14
CA VAL B 212 0.27 3.76 -22.77
C VAL B 212 -1.09 3.80 -23.44
N ASP B 213 -2.13 4.00 -22.63
CA ASP B 213 -3.49 4.09 -23.13
C ASP B 213 -4.07 5.43 -22.70
N GLU B 214 -5.15 5.86 -23.35
CA GLU B 214 -5.91 6.98 -22.84
C GLU B 214 -6.34 6.67 -21.42
N ASP B 215 -6.51 7.71 -20.61
CA ASP B 215 -6.99 7.56 -19.25
C ASP B 215 -8.27 8.36 -19.15
N ILE B 216 -9.40 7.68 -19.14
CA ILE B 216 -10.67 8.35 -19.00
C ILE B 216 -11.35 7.84 -17.72
N THR B 217 -10.57 7.33 -16.76
CA THR B 217 -11.11 7.05 -15.43
C THR B 217 -11.37 8.37 -14.71
N GLU B 218 -12.44 8.47 -13.91
CA GLU B 218 -12.75 9.75 -13.26
C GLU B 218 -11.65 10.19 -12.29
N HIS B 219 -11.11 9.26 -11.51
CA HIS B 219 -9.99 9.54 -10.62
C HIS B 219 -8.62 9.38 -11.33
N GLY B 220 -8.50 9.93 -12.53
CA GLY B 220 -7.34 9.69 -13.35
C GLY B 220 -6.44 10.90 -13.30
N GLU B 221 -5.24 10.73 -12.73
CA GLU B 221 -4.28 11.83 -12.55
C GLU B 221 -3.94 12.57 -13.84
N TYR B 222 -3.58 11.84 -14.88
CA TYR B 222 -3.28 12.43 -16.18
C TYR B 222 -4.26 11.92 -17.24
N TYR B 223 -4.09 12.39 -18.47
CA TYR B 223 -4.97 11.97 -19.59
C TYR B 223 -4.46 10.73 -20.31
N LEU B 224 -3.26 10.29 -19.95
CA LEU B 224 -2.74 9.00 -20.39
C LEU B 224 -2.41 8.19 -19.15
N ARG B 225 -2.30 6.87 -19.33
CA ARG B 225 -1.96 5.98 -18.22
C ARG B 225 -1.20 4.76 -18.73
N PHE B 226 -0.50 4.10 -17.82
CA PHE B 226 0.16 2.85 -18.14
C PHE B 226 -0.76 1.67 -17.90
N VAL B 227 -0.80 0.75 -18.86
CA VAL B 227 -1.59 -0.47 -18.77
C VAL B 227 -0.74 -1.66 -19.20
N GLN B 228 -1.20 -2.87 -18.92
CA GLN B 228 -0.49 -4.10 -19.24
C GLN B 228 -1.19 -4.78 -20.41
N SER B 229 -0.43 -5.33 -21.37
CA SER B 229 -1.03 -6.00 -22.52
C SER B 229 -1.71 -7.30 -22.09
N LYS B 230 -2.79 -7.65 -22.78
CA LYS B 230 -3.62 -8.80 -22.40
C LYS B 230 -2.86 -10.11 -22.47
N GLY B 231 -2.08 -10.28 -23.52
CA GLY B 231 -1.21 -11.45 -23.67
C GLY B 231 0.18 -11.01 -24.08
N PRO B 232 0.97 -11.94 -24.62
CA PRO B 232 2.29 -11.56 -25.18
C PRO B 232 2.14 -10.74 -26.45
N THR B 233 2.91 -9.67 -26.55
CA THR B 233 2.94 -8.87 -27.76
C THR B 233 3.99 -9.43 -28.70
N LEU B 234 4.03 -8.89 -29.92
CA LEU B 234 5.05 -9.24 -30.90
C LEU B 234 6.45 -9.03 -30.36
N THR B 236 7.25 -8.84 -27.05
CA THR B 236 7.41 -9.79 -25.96
C THR B 236 7.96 -11.08 -26.52
N THR B 237 7.28 -11.64 -27.51
CA THR B 237 7.74 -12.88 -28.15
C THR B 237 9.14 -12.70 -28.72
N ALA B 238 9.31 -11.68 -29.55
CA ALA B 238 10.58 -11.42 -30.24
C ALA B 238 11.80 -11.36 -29.33
N VAL B 239 11.63 -10.87 -28.10
CA VAL B 239 12.78 -10.76 -27.18
C VAL B 239 12.72 -11.70 -25.97
N LYS B 240 11.82 -12.68 -25.98
CA LYS B 240 11.62 -13.51 -24.76
C LYS B 240 12.89 -14.22 -24.28
N HIS B 241 13.75 -14.59 -25.23
CA HIS B 241 15.03 -15.23 -24.91
C HIS B 241 16.04 -14.30 -24.25
N LEU B 242 15.81 -12.99 -24.26
CA LEU B 242 16.68 -12.03 -23.59
C LEU B 242 16.17 -11.61 -22.21
N LEU B 243 14.85 -11.75 -21.99
CA LEU B 243 14.26 -11.44 -20.70
C LEU B 243 14.65 -12.51 -19.67
N PRO B 244 14.73 -12.14 -18.38
CA PRO B 244 15.12 -13.11 -17.36
C PRO B 244 14.09 -14.22 -17.18
N GLU B 245 14.56 -15.43 -16.94
CA GLU B 245 13.67 -16.58 -16.85
C GLU B 245 12.96 -16.66 -15.51
N PHE B 246 13.66 -16.25 -14.45
CA PHE B 246 13.13 -16.40 -13.07
C PHE B 246 11.80 -15.74 -12.78
N GLY B 247 11.37 -14.76 -13.59
CA GLY B 247 9.99 -14.26 -13.57
C GLY B 247 9.24 -14.29 -12.24
N LEU B 248 9.39 -13.23 -11.46
CA LEU B 248 8.58 -13.01 -10.25
C LEU B 248 7.41 -12.09 -10.62
N ASP B 249 6.28 -12.27 -9.95
CA ASP B 249 5.07 -11.51 -10.31
C ASP B 249 5.30 -10.01 -10.19
N GLY B 250 4.93 -9.28 -11.23
CA GLY B 250 5.14 -7.83 -11.29
C GLY B 250 6.54 -7.39 -11.67
N TYR B 251 7.49 -8.33 -11.76
CA TYR B 251 8.87 -7.99 -12.05
C TYR B 251 8.96 -7.29 -13.40
N GLN B 252 9.57 -6.10 -13.40
CA GLN B 252 9.52 -5.21 -14.57
C GLN B 252 10.91 -4.84 -15.07
N VAL B 253 11.07 -4.85 -16.39
CA VAL B 253 12.37 -4.56 -17.02
C VAL B 253 12.21 -3.69 -18.26
N GLU B 254 13.27 -2.96 -18.57
CA GLU B 254 13.35 -2.16 -19.79
C GLU B 254 14.22 -2.90 -20.78
N LEU B 255 13.91 -2.79 -22.06
CA LEU B 255 14.80 -3.24 -23.11
C LEU B 255 14.87 -2.25 -24.25
N GLY B 256 16.10 -1.90 -24.65
CA GLY B 256 16.33 -1.00 -25.79
C GLY B 256 16.42 -1.74 -27.10
N LEU B 257 15.28 -2.18 -27.62
CA LEU B 257 15.25 -2.96 -28.85
C LEU B 257 15.77 -2.21 -30.07
N ALA B 258 15.48 -0.92 -30.17
CA ALA B 258 16.02 -0.10 -31.25
C ALA B 258 17.55 -0.14 -31.23
N GLY B 259 18.10 0.03 -30.03
CA GLY B 259 19.53 -0.07 -29.79
C GLY B 259 20.10 -1.43 -30.14
N LEU B 260 19.37 -2.49 -29.81
CA LEU B 260 19.82 -3.85 -30.15
C LEU B 260 19.86 -4.04 -31.67
N ALA B 261 18.89 -3.46 -32.37
CA ALA B 261 18.83 -3.53 -33.83
C ALA B 261 20.02 -2.81 -34.46
N ILE B 262 20.33 -1.63 -33.93
CA ILE B 262 21.50 -0.88 -34.39
C ILE B 262 22.78 -1.70 -34.12
N SER B 263 22.85 -2.31 -32.94
CA SER B 263 24.00 -3.11 -32.55
C SER B 263 24.21 -4.28 -33.52
N GLN B 264 23.11 -4.93 -33.91
CA GLN B 264 23.17 -6.02 -34.89
C GLN B 264 23.64 -5.52 -36.28
N GLN B 265 23.15 -4.35 -36.71
CA GLN B 265 23.65 -3.76 -37.96
C GLN B 265 25.16 -3.52 -37.93
N ILE B 266 25.64 -2.94 -36.84
CA ILE B 266 27.07 -2.68 -36.68
C ILE B 266 27.87 -3.99 -36.67
N ALA B 267 27.42 -4.95 -35.87
CA ALA B 267 28.06 -6.26 -35.76
C ALA B 267 28.18 -6.98 -37.10
N ASN B 268 27.09 -6.97 -37.88
CA ASN B 268 27.09 -7.63 -39.18
C ASN B 268 27.96 -6.89 -40.20
N ARG B 269 27.94 -5.57 -40.14
CA ARG B 269 28.84 -4.75 -40.96
C ARG B 269 30.30 -5.12 -40.69
N ILE B 270 30.66 -5.23 -39.41
CA ILE B 270 32.01 -5.58 -39.00
C ILE B 270 32.38 -7.01 -39.42
N ASP B 271 31.43 -7.93 -39.26
CA ASP B 271 31.61 -9.30 -39.73
C ASP B 271 31.90 -9.36 -41.24
N LYS B 272 31.21 -8.55 -42.02
CA LYS B 272 31.39 -8.57 -43.48
C LYS B 272 32.68 -7.87 -43.93
N SER B 273 32.85 -6.62 -43.51
CA SER B 273 33.91 -5.77 -44.07
C SER B 273 34.95 -5.29 -43.06
N GLY B 274 34.82 -5.70 -41.80
CA GLY B 274 35.77 -5.29 -40.76
C GLY B 274 35.52 -3.92 -40.18
N GLY B 275 36.03 -3.71 -38.96
CA GLY B 275 35.85 -2.44 -38.26
C GLY B 275 35.65 -2.60 -36.78
N ALA B 276 35.25 -1.52 -36.12
CA ALA B 276 35.05 -1.53 -34.68
C ALA B 276 34.19 -0.38 -34.23
N ALA B 277 33.40 -0.63 -33.19
CA ALA B 277 32.50 0.37 -32.64
C ALA B 277 32.86 0.64 -31.19
N LEU B 278 32.86 1.93 -30.84
CA LEU B 278 32.88 2.42 -29.47
C LEU B 278 31.50 2.95 -29.11
N ILE B 279 30.88 2.35 -28.09
CA ILE B 279 29.62 2.84 -27.56
C ILE B 279 29.87 3.36 -26.15
N ILE B 280 29.67 4.65 -25.96
CA ILE B 280 29.91 5.32 -24.68
C ILE B 280 28.60 5.90 -24.18
N ASP B 281 28.22 5.55 -22.97
CA ASP B 281 27.00 6.07 -22.40
C ASP B 281 26.89 5.77 -20.93
N TYR B 282 25.98 6.47 -20.25
CA TYR B 282 25.67 6.15 -18.87
C TYR B 282 24.75 4.92 -18.85
N GLY B 283 25.09 3.96 -17.99
CA GLY B 283 24.33 2.70 -17.97
C GLY B 283 24.87 1.64 -17.04
N TYR B 284 24.40 0.40 -17.23
CA TYR B 284 24.80 -0.71 -16.37
C TYR B 284 25.18 -1.97 -17.14
N ASP B 285 25.97 -2.81 -16.48
CA ASP B 285 26.35 -4.11 -17.00
C ASP B 285 25.31 -5.14 -16.55
N LYS B 286 24.04 -4.84 -16.82
CA LYS B 286 22.93 -5.69 -16.44
C LYS B 286 21.63 -5.16 -17.05
N ILE B 287 20.58 -5.97 -16.97
CA ILE B 287 19.27 -5.52 -17.41
C ILE B 287 18.82 -4.40 -16.47
N VAL B 288 18.32 -3.32 -17.07
CA VAL B 288 17.85 -2.17 -16.32
C VAL B 288 16.38 -2.35 -16.01
N LYS B 289 16.03 -2.35 -14.73
CA LYS B 289 14.63 -2.53 -14.32
C LYS B 289 13.81 -1.26 -14.54
N SER B 290 14.36 -0.13 -14.10
CA SER B 290 13.67 1.14 -14.19
C SER B 290 14.65 2.30 -14.24
N SER B 291 14.60 3.05 -15.34
CA SER B 291 15.47 4.21 -15.52
C SER B 291 14.88 5.32 -16.41
N LEU B 292 13.82 5.04 -17.18
CA LEU B 292 13.20 6.05 -18.00
C LEU B 292 12.87 7.26 -17.15
N GLN B 293 13.43 8.41 -17.53
CA GLN B 293 13.26 9.63 -16.76
C GLN B 293 12.84 10.77 -17.67
N ALA B 294 12.05 11.66 -17.10
CA ALA B 294 11.58 12.84 -17.78
C ALA B 294 12.01 14.06 -16.97
N ILE B 295 12.83 14.91 -17.60
CA ILE B 295 13.28 16.14 -16.97
C ILE B 295 12.71 17.36 -17.69
N ARG B 296 12.21 18.31 -16.90
CA ARG B 296 11.62 19.55 -17.39
C ARG B 296 12.07 20.69 -16.48
N ASP B 297 12.65 21.74 -17.08
CA ASP B 297 13.25 22.85 -16.32
C ASP B 297 14.13 22.37 -15.16
N HIS B 298 15.03 21.43 -15.46
CA HIS B 298 15.97 20.89 -14.48
C HIS B 298 15.26 20.21 -13.29
N GLU B 299 14.06 19.69 -13.51
CA GLU B 299 13.35 18.95 -12.47
C GLU B 299 12.81 17.65 -13.02
N PHE B 300 12.92 16.59 -12.21
CA PHE B 300 12.33 15.30 -12.55
C PHE B 300 10.81 15.44 -12.44
N VAL B 301 10.12 15.03 -13.50
CA VAL B 301 8.66 15.11 -13.56
C VAL B 301 8.09 13.79 -14.04
N ASP B 302 6.79 13.60 -13.85
CA ASP B 302 6.12 12.40 -14.32
C ASP B 302 6.12 12.32 -15.84
N ILE B 303 6.41 11.13 -16.35
CA ILE B 303 6.51 10.87 -17.77
C ILE B 303 5.20 11.23 -18.48
N LEU B 304 4.06 11.02 -17.83
CA LEU B 304 2.76 11.31 -18.43
C LEU B 304 2.20 12.71 -18.09
N ASP B 305 3.05 13.57 -17.54
CA ASP B 305 2.64 14.93 -17.19
C ASP B 305 2.98 15.87 -18.35
N LYS B 306 1.96 16.27 -19.10
CA LYS B 306 2.14 17.12 -20.30
C LYS B 306 3.22 16.55 -21.22
N PRO B 307 2.99 15.33 -21.76
CA PRO B 307 3.96 14.71 -22.66
C PRO B 307 4.35 15.66 -23.77
N GLY B 308 5.61 15.63 -24.18
CA GLY B 308 6.11 16.57 -25.17
C GLY B 308 6.79 17.77 -24.52
N THR B 309 6.44 18.12 -23.29
CA THR B 309 7.08 19.25 -22.60
C THR B 309 8.34 18.90 -21.82
N ALA B 310 8.73 17.62 -21.78
CA ALA B 310 9.88 17.19 -21.00
C ALA B 310 10.78 16.24 -21.77
N ASP B 311 12.07 16.31 -21.49
CA ASP B 311 13.06 15.50 -22.17
C ASP B 311 13.12 14.13 -21.53
N LEU B 312 13.08 13.08 -22.35
CA LEU B 312 13.11 11.72 -21.88
C LEU B 312 14.49 11.12 -22.06
N SER B 313 14.94 10.29 -21.12
CA SER B 313 16.19 9.54 -21.32
C SER B 313 16.21 8.24 -20.53
N VAL B 314 17.12 7.36 -20.90
CA VAL B 314 17.21 6.04 -20.32
C VAL B 314 18.66 5.74 -19.97
N TRP B 315 18.89 4.91 -18.95
CA TRP B 315 20.23 4.38 -18.69
C TRP B 315 20.43 3.12 -19.54
N VAL B 316 21.59 3.01 -20.18
CA VAL B 316 21.80 1.98 -21.20
C VAL B 316 22.09 0.60 -20.58
N ASP B 317 21.42 -0.41 -21.11
CA ASP B 317 21.68 -1.80 -20.75
C ASP B 317 22.80 -2.33 -21.66
N PHE B 318 24.02 -2.36 -21.13
CA PHE B 318 25.19 -2.80 -21.91
C PHE B 318 25.24 -4.33 -22.06
N GLN B 319 24.70 -5.02 -21.06
CA GLN B 319 24.69 -6.48 -21.05
C GLN B 319 23.94 -7.09 -22.23
N THR B 320 22.73 -6.59 -22.47
CA THR B 320 21.88 -7.15 -23.52
C THR B 320 22.45 -6.82 -24.89
N ILE B 321 23.12 -5.68 -25.02
CA ILE B 321 23.86 -5.36 -26.25
C ILE B 321 24.94 -6.42 -26.48
N ARG B 322 25.75 -6.66 -25.46
CA ARG B 322 26.81 -7.67 -25.54
C ARG B 322 26.27 -9.05 -25.96
N LYS B 323 25.25 -9.52 -25.24
CA LYS B 323 24.66 -10.83 -25.48
C LYS B 323 24.05 -10.92 -26.87
N THR B 324 23.42 -9.83 -27.30
CA THR B 324 22.78 -9.80 -28.62
C THR B 324 23.82 -9.93 -29.73
N VAL B 325 24.89 -9.17 -29.63
CA VAL B 325 25.99 -9.29 -30.60
C VAL B 325 26.50 -10.72 -30.62
N LYS B 326 26.85 -11.24 -29.44
CA LYS B 326 27.36 -12.62 -29.36
C LYS B 326 26.42 -13.66 -29.98
N LEU B 327 25.12 -13.46 -29.82
CA LEU B 327 24.10 -14.38 -30.36
C LEU B 327 24.05 -14.42 -31.89
N LEU B 328 24.68 -13.47 -32.57
CA LEU B 328 24.79 -13.56 -34.03
C LEU B 328 25.67 -14.73 -34.45
N LYS B 329 26.56 -15.18 -33.56
CA LYS B 329 27.46 -16.30 -33.84
C LYS B 329 28.23 -16.11 -35.15
N ASN B 330 28.70 -14.89 -35.40
CA ASN B 330 29.54 -14.61 -36.56
C ASN B 330 30.93 -14.12 -36.09
N LYS B 331 31.71 -13.49 -36.98
CA LYS B 331 33.07 -13.05 -36.61
C LYS B 331 33.10 -11.90 -35.60
N SER B 332 31.96 -11.25 -35.40
CA SER B 332 31.90 -10.15 -34.46
C SER B 332 31.75 -10.64 -33.02
N THR B 333 32.03 -9.74 -32.10
CA THR B 333 31.77 -9.94 -30.68
C THR B 333 31.72 -8.58 -30.00
N ALA B 334 31.35 -8.57 -28.72
CA ALA B 334 31.30 -7.34 -27.95
C ALA B 334 32.11 -7.53 -26.67
N ILE B 335 33.16 -6.74 -26.48
CA ILE B 335 33.97 -6.85 -25.28
C ILE B 335 33.38 -5.89 -24.25
N GLY B 336 33.01 -6.47 -23.11
CA GLY B 336 31.96 -5.96 -22.21
C GLY B 336 32.30 -4.61 -21.64
N PRO B 337 31.34 -3.99 -20.95
CA PRO B 337 31.50 -2.60 -20.49
C PRO B 337 32.69 -2.41 -19.56
N VAL B 338 33.45 -1.35 -19.78
CA VAL B 338 34.44 -0.87 -18.81
C VAL B 338 34.14 0.59 -18.49
N ASP B 339 34.49 1.02 -17.29
CA ASP B 339 34.19 2.38 -16.84
C ASP B 339 34.94 3.44 -17.66
N GLN B 340 34.31 4.60 -17.84
CA GLN B 340 34.90 5.69 -18.62
C GLN B 340 36.23 6.16 -18.04
N GLY B 341 36.30 6.31 -16.72
CA GLY B 341 37.55 6.74 -16.08
C GLY B 341 38.69 5.79 -16.42
N ILE B 342 38.42 4.48 -16.25
CA ILE B 342 39.40 3.45 -16.50
C ILE B 342 39.80 3.44 -17.97
N PHE B 343 38.83 3.53 -18.86
CA PHE B 343 39.09 3.58 -20.31
C PHE B 343 40.01 4.74 -20.70
N LEU B 344 39.66 5.96 -20.27
CA LEU B 344 40.39 7.16 -20.65
C LEU B 344 41.80 7.21 -20.06
N LYS B 345 41.93 6.69 -18.84
CA LYS B 345 43.26 6.54 -18.25
C LYS B 345 44.08 5.54 -19.06
N GLU B 346 43.47 4.42 -19.41
CA GLU B 346 44.13 3.39 -20.21
C GLU B 346 44.52 3.89 -21.59
N GLY B 348 45.64 6.95 -22.05
CA GLY B 348 46.73 7.90 -21.83
C GLY B 348 46.30 9.34 -21.60
N ILE B 349 45.11 9.51 -21.03
CA ILE B 349 44.60 10.86 -20.79
C ILE B 349 45.47 11.71 -19.84
N GLU B 350 46.17 11.07 -18.90
CA GLU B 350 46.99 11.82 -17.94
C GLU B 350 48.22 12.42 -18.60
N HIS B 351 48.86 11.64 -19.47
CA HIS B 351 49.99 12.15 -20.25
C HIS B 351 49.56 13.37 -21.07
N ARG B 352 48.41 13.25 -21.73
CA ARG B 352 47.92 14.32 -22.56
C ARG B 352 47.57 15.57 -21.75
N LEU B 353 46.92 15.36 -20.61
CA LEU B 353 46.65 16.41 -19.63
C LEU B 353 47.93 17.17 -19.30
N ALA B 354 49.00 16.46 -19.01
CA ALA B 354 50.29 17.09 -18.72
C ALA B 354 50.81 17.91 -19.89
N GLN B 355 50.73 17.34 -21.10
CA GLN B 355 51.24 18.03 -22.30
C GLN B 355 50.50 19.37 -22.59
N ILE B 356 49.17 19.31 -22.53
CA ILE B 356 48.33 20.48 -22.76
C ILE B 356 48.56 21.51 -21.66
N GLY B 357 48.55 21.05 -20.41
CA GLY B 357 48.83 21.88 -19.24
C GLY B 357 50.14 22.62 -19.35
N ARG B 358 51.16 21.97 -19.93
CA ARG B 358 52.46 22.61 -20.14
C ARG B 358 52.42 23.69 -21.23
N LYS B 359 51.66 23.46 -22.31
CA LYS B 359 51.51 24.50 -23.34
C LYS B 359 50.70 25.70 -22.85
N LEU B 360 49.71 25.47 -22.00
CA LEU B 360 49.01 26.58 -21.34
C LEU B 360 49.99 27.33 -20.44
N ASP B 361 49.81 28.64 -20.34
CA ASP B 361 50.66 29.46 -19.46
C ASP B 361 49.88 29.99 -18.26
N SER B 362 48.55 30.00 -18.36
CA SER B 362 47.69 30.54 -17.31
C SER B 362 47.36 29.48 -16.25
N ASN B 363 47.36 29.89 -14.99
CA ASN B 363 46.92 29.04 -13.89
C ASN B 363 45.42 28.79 -13.96
N GLU B 364 44.66 29.82 -14.32
CA GLU B 364 43.21 29.70 -14.46
C GLU B 364 42.84 28.72 -15.58
N LYS B 365 43.50 28.85 -16.73
CA LYS B 365 43.27 27.92 -17.84
C LYS B 365 43.63 26.48 -17.45
N PHE B 366 44.73 26.32 -16.71
CA PHE B 366 45.13 25.00 -16.25
C PHE B 366 44.09 24.41 -15.28
N GLU B 367 43.59 25.23 -14.37
CA GLU B 367 42.58 24.80 -13.42
C GLU B 367 41.31 24.36 -14.14
N GLU B 368 40.88 25.12 -15.13
CA GLU B 368 39.75 24.71 -16.00
C GLU B 368 40.00 23.34 -16.61
N LEU B 369 41.18 23.18 -17.22
CA LEU B 369 41.54 21.91 -17.85
C LEU B 369 41.43 20.73 -16.87
N VAL B 370 41.94 20.93 -15.66
CA VAL B 370 41.93 19.89 -14.62
C VAL B 370 40.51 19.60 -14.14
N GLY B 372 37.82 19.83 -15.96
CA GLY B 372 37.27 18.99 -17.04
C GLY B 372 37.74 17.55 -16.97
N TYR B 373 39.05 17.38 -16.80
CA TYR B 373 39.63 16.04 -16.62
C TYR B 373 38.92 15.28 -15.48
N LYS B 374 38.80 15.94 -14.33
CA LYS B 374 38.16 15.34 -13.16
C LYS B 374 36.72 15.00 -13.42
N LYS B 375 36.00 15.85 -14.15
CA LYS B 375 34.61 15.55 -14.46
C LYS B 375 34.51 14.28 -15.32
N LEU B 376 35.44 14.14 -16.27
CA LEU B 376 35.50 12.94 -17.12
C LEU B 376 35.83 11.65 -16.37
N VAL B 377 36.78 11.70 -15.44
CA VAL B 377 37.34 10.46 -14.87
C VAL B 377 37.01 10.16 -13.41
N ASP B 378 36.61 11.15 -12.61
CA ASP B 378 36.32 10.89 -11.19
C ASP B 378 35.12 9.96 -11.05
N PRO B 379 35.14 9.07 -10.03
CA PRO B 379 34.02 8.16 -9.82
C PRO B 379 32.74 8.86 -9.42
N LYS B 380 32.86 9.96 -8.69
CA LYS B 380 31.69 10.74 -8.27
C LYS B 380 31.20 11.68 -9.36
N GLU B 381 31.96 11.80 -10.46
CA GLU B 381 31.53 12.54 -11.64
C GLU B 381 31.07 11.54 -12.72
N GLY B 383 33.08 9.31 -14.35
CA GLY B 383 34.04 8.21 -14.46
C GLY B 383 33.50 6.80 -14.29
N THR B 384 32.47 6.64 -13.46
CA THR B 384 31.87 5.33 -13.20
C THR B 384 30.49 5.14 -13.85
N ASN B 385 29.63 6.16 -13.77
CA ASN B 385 28.31 6.09 -14.38
C ASN B 385 28.40 5.89 -15.88
N TYR B 386 29.32 6.63 -16.51
CA TYR B 386 29.58 6.46 -17.94
C TYR B 386 30.48 5.26 -18.17
N LYS B 387 30.12 4.48 -19.18
CA LYS B 387 30.79 3.25 -19.52
C LYS B 387 30.96 3.14 -21.02
N VAL B 388 31.92 2.28 -21.38
CA VAL B 388 32.38 2.11 -22.75
C VAL B 388 32.29 0.62 -23.08
N ILE B 389 31.69 0.30 -24.22
CA ILE B 389 31.67 -1.07 -24.72
C ILE B 389 32.10 -1.05 -26.18
N THR B 390 32.76 -2.11 -26.64
CA THR B 390 33.16 -2.18 -28.03
C THR B 390 32.56 -3.38 -28.76
N ILE B 391 32.18 -3.14 -30.02
CA ILE B 391 31.76 -4.22 -30.92
C ILE B 391 32.85 -4.35 -31.96
N CYS B 392 33.39 -5.54 -32.15
CA CYS B 392 34.58 -5.69 -32.97
C CYS B 392 34.79 -7.12 -33.46
N ASP B 393 35.84 -7.33 -34.25
CA ASP B 393 36.21 -8.65 -34.73
C ASP B 393 36.82 -9.49 -33.58
N LYS B 394 36.28 -10.69 -33.39
CA LYS B 394 36.82 -11.66 -32.42
C LYS B 394 38.33 -11.74 -32.42
N ASN B 395 38.92 -11.75 -33.62
CA ASN B 395 40.35 -11.98 -33.78
C ASN B 395 41.21 -10.72 -33.68
N ILE B 396 40.62 -9.56 -33.42
CA ILE B 396 41.43 -8.34 -33.25
C ILE B 396 41.19 -7.76 -31.86
N THR B 397 42.25 -7.68 -31.07
CA THR B 397 42.15 -7.29 -29.67
C THR B 397 41.81 -5.82 -29.55
N PRO B 398 40.76 -5.49 -28.77
CA PRO B 398 40.36 -4.09 -28.66
C PRO B 398 41.39 -3.28 -27.91
N ILE B 399 41.42 -1.97 -28.16
CA ILE B 399 42.29 -1.06 -27.46
C ILE B 399 41.52 -0.41 -26.31
N GLY B 400 42.06 -0.50 -25.10
CA GLY B 400 41.49 0.18 -23.93
C GLY B 400 40.57 -0.66 -23.08
N PHE B 401 40.56 -1.97 -23.29
CA PHE B 401 39.63 -2.86 -22.60
C PHE B 401 40.30 -3.92 -21.73
N SER B 402 41.51 -3.63 -21.24
CA SER B 402 42.23 -4.58 -20.40
C SER B 402 41.45 -4.98 -19.15
N THR B 403 40.61 -4.07 -18.63
CA THR B 403 39.81 -4.37 -17.44
C THR B 403 38.43 -4.99 -17.74
N SER B 404 38.16 -5.35 -18.99
CA SER B 404 36.87 -5.94 -19.33
C SER B 404 36.73 -7.34 -18.74
N LYS B 405 35.53 -7.70 -18.33
CA LYS B 405 35.31 -8.97 -17.63
C LYS B 405 35.12 -10.12 -18.61
N THR B 406 35.23 -11.34 -18.09
CA THR B 406 34.91 -12.53 -18.84
C THR B 406 33.57 -13.05 -18.33
N TYR B 407 32.65 -13.27 -19.25
CA TYR B 407 31.32 -13.75 -18.92
C TYR B 407 31.23 -15.19 -19.42
N ASP B 408 31.38 -16.15 -18.51
CA ASP B 408 31.43 -17.58 -18.88
C ASP B 408 30.13 -18.06 -19.51
N ASP B 409 29.03 -17.85 -18.80
CA ASP B 409 27.68 -18.26 -19.24
C ASP B 409 27.38 -17.97 -20.71
N GLU B 410 27.99 -16.94 -21.27
CA GLU B 410 27.64 -16.49 -22.63
C GLU B 410 28.73 -16.75 -23.68
N ASP B 411 29.83 -17.39 -23.31
CA ASP B 411 30.96 -17.48 -24.25
C ASP B 411 31.26 -18.87 -24.83
N LEU B 412 30.90 -19.03 -26.10
CA LEU B 412 31.32 -20.16 -26.96
C LEU B 412 30.84 -21.53 -26.44
N LYS C 13 -20.89 -24.03 46.13
CA LYS C 13 -20.79 -22.68 46.74
C LYS C 13 -19.52 -21.98 46.27
N TYR C 14 -19.58 -20.65 46.22
CA TYR C 14 -18.45 -19.82 45.79
C TYR C 14 -18.75 -18.38 46.21
N PRO C 15 -17.72 -17.51 46.25
CA PRO C 15 -17.95 -16.11 46.61
C PRO C 15 -18.99 -15.41 45.71
N ILE C 16 -19.72 -14.47 46.30
CA ILE C 16 -21.00 -14.00 45.80
C ILE C 16 -21.01 -13.45 44.39
N THR C 17 -19.98 -12.73 43.96
CA THR C 17 -19.92 -12.14 42.61
C THR C 17 -20.66 -10.81 42.51
N ASP C 18 -20.00 -9.82 41.91
CA ASP C 18 -20.53 -8.46 41.83
C ASP C 18 -21.79 -8.37 40.97
N PHE C 19 -21.81 -9.10 39.87
CA PHE C 19 -22.95 -9.09 38.96
C PHE C 19 -24.15 -9.87 39.50
N GLU C 20 -23.87 -10.87 40.33
CA GLU C 20 -24.94 -11.53 41.07
C GLU C 20 -25.51 -10.57 42.12
N LYS C 21 -24.64 -9.80 42.79
CA LYS C 21 -25.10 -8.73 43.69
C LYS C 21 -26.05 -7.78 42.95
N TYR C 22 -25.57 -7.29 41.80
CA TYR C 22 -26.32 -6.37 40.98
C TYR C 22 -27.68 -6.92 40.57
N LEU C 23 -27.72 -8.18 40.13
CA LEU C 23 -28.99 -8.82 39.73
C LEU C 23 -29.95 -9.00 40.92
N GLN C 24 -29.41 -9.47 42.04
CA GLN C 24 -30.18 -9.57 43.27
C GLN C 24 -30.85 -8.23 43.59
N ASP C 25 -30.10 -7.15 43.45
CA ASP C 25 -30.63 -5.81 43.75
C ASP C 25 -31.78 -5.40 42.83
N ILE C 26 -31.72 -5.81 41.57
CA ILE C 26 -32.85 -5.60 40.66
C ILE C 26 -34.06 -6.32 41.21
N THR C 27 -33.89 -7.56 41.69
CA THR C 27 -35.05 -8.29 42.21
C THR C 27 -35.59 -7.68 43.51
N LYS C 28 -34.71 -7.04 44.29
CA LYS C 28 -35.13 -6.34 45.51
C LYS C 28 -35.97 -5.10 45.22
N VAL C 29 -35.61 -4.35 44.18
CA VAL C 29 -36.32 -3.10 43.86
C VAL C 29 -37.54 -3.30 42.95
N ARG C 30 -37.46 -4.23 42.00
CA ARG C 30 -38.52 -4.45 41.01
C ARG C 30 -39.18 -5.83 41.07
N GLY C 31 -38.73 -6.68 41.99
CA GLY C 31 -39.29 -8.04 42.10
C GLY C 31 -38.63 -8.99 41.11
N PRO C 32 -38.96 -10.29 41.19
CA PRO C 32 -38.35 -11.29 40.31
C PRO C 32 -38.44 -10.91 38.83
N SER C 34 -38.15 -11.41 34.55
CA SER C 34 -38.46 -12.42 33.54
C SER C 34 -37.16 -13.04 33.04
N ILE C 35 -37.26 -14.23 32.46
CA ILE C 35 -36.09 -14.88 31.88
C ILE C 35 -35.55 -14.06 30.71
N ASP C 36 -36.44 -13.36 30.00
CA ASP C 36 -36.05 -12.45 28.92
C ASP C 36 -35.12 -11.35 29.44
N THR C 37 -35.55 -10.69 30.51
CA THR C 37 -34.73 -9.64 31.14
C THR C 37 -33.41 -10.21 31.65
N PHE C 38 -33.49 -11.39 32.27
CA PHE C 38 -32.30 -12.06 32.79
C PHE C 38 -31.26 -12.32 31.69
N ILE C 39 -31.71 -12.87 30.57
CA ILE C 39 -30.83 -13.15 29.45
C ILE C 39 -30.26 -11.86 28.88
N LYS C 40 -31.10 -10.84 28.68
CA LYS C 40 -30.61 -9.54 28.21
C LYS C 40 -29.47 -9.02 29.09
N GLU C 41 -29.68 -9.05 30.40
CA GLU C 41 -28.63 -8.60 31.33
C GLU C 41 -27.38 -9.44 31.15
N VAL C 42 -27.54 -10.75 31.35
CA VAL C 42 -26.41 -11.70 31.35
C VAL C 42 -25.53 -11.57 30.11
N LEU C 43 -26.15 -11.41 28.95
CA LEU C 43 -25.38 -11.28 27.72
C LEU C 43 -24.82 -9.87 27.55
N THR C 44 -25.69 -8.87 27.69
CA THR C 44 -25.41 -7.50 27.19
C THR C 44 -25.35 -6.39 28.24
N ASN C 45 -25.07 -6.73 29.50
CA ASN C 45 -24.82 -5.70 30.51
C ASN C 45 -23.50 -5.02 30.17
N PRO C 46 -23.46 -3.67 30.19
CA PRO C 46 -22.22 -2.95 29.81
C PRO C 46 -20.97 -3.38 30.59
N LYS C 47 -21.12 -3.53 31.91
CA LYS C 47 -20.00 -3.81 32.79
C LYS C 47 -19.69 -5.30 32.90
N TYR C 48 -20.74 -6.12 33.06
CA TYR C 48 -20.59 -7.56 33.39
C TYR C 48 -21.04 -8.54 32.30
N GLY C 49 -21.58 -8.05 31.19
CA GLY C 49 -22.13 -8.93 30.16
C GLY C 49 -21.13 -9.94 29.62
N TYR C 50 -21.61 -11.14 29.27
CA TYR C 50 -20.76 -12.16 28.64
C TYR C 50 -20.31 -11.72 27.24
N TYR C 51 -21.29 -11.32 26.41
CA TYR C 51 -20.98 -10.72 25.11
C TYR C 51 -20.41 -9.33 25.41
N ASN C 53 -17.17 -6.66 26.37
CA ASN C 53 -15.93 -6.65 27.18
C ASN C 53 -15.48 -7.97 27.83
N LYS C 54 -15.01 -8.91 27.00
CA LYS C 54 -14.24 -10.09 27.45
C LYS C 54 -13.31 -10.56 26.33
N ASP C 55 -13.88 -10.91 25.17
CA ASP C 55 -13.12 -11.37 23.99
C ASP C 55 -12.10 -12.50 24.31
N VAL C 56 -10.97 -12.56 23.59
CA VAL C 56 -9.94 -13.59 23.81
C VAL C 56 -10.18 -14.82 24.68
N PHE C 57 -10.61 -15.90 24.05
CA PHE C 57 -11.13 -17.11 24.76
C PHE C 57 -10.59 -18.43 24.19
N GLY C 58 -11.16 -18.89 23.07
CA GLY C 58 -10.66 -20.07 22.38
C GLY C 58 -10.68 -19.83 20.89
N LYS C 59 -9.62 -20.26 20.20
CA LYS C 59 -9.54 -20.37 18.73
C LYS C 59 -9.73 -19.07 17.91
N GLY C 60 -10.80 -18.33 18.19
CA GLY C 60 -11.15 -17.11 17.45
C GLY C 60 -12.62 -17.11 17.05
N GLY C 61 -13.50 -17.16 18.04
CA GLY C 61 -14.93 -17.42 17.84
C GLY C 61 -15.44 -18.63 18.65
N ASP C 62 -14.50 -19.46 19.11
CA ASP C 62 -14.77 -20.67 19.89
C ASP C 62 -15.47 -21.76 19.08
N PHE C 63 -16.80 -21.69 19.00
CA PHE C 63 -17.60 -22.75 18.37
C PHE C 63 -17.89 -22.35 16.93
N ILE C 64 -17.74 -23.31 16.02
CA ILE C 64 -17.68 -22.97 14.59
C ILE C 64 -19.11 -22.86 14.05
N THR C 65 -19.42 -21.76 13.36
CA THR C 65 -20.74 -21.57 12.74
C THR C 65 -20.74 -22.03 11.28
N ALA C 66 -21.93 -22.14 10.70
CA ALA C 66 -22.06 -22.68 9.32
C ALA C 66 -21.17 -21.98 8.28
N PRO C 67 -21.10 -20.63 8.30
CA PRO C 67 -20.19 -19.93 7.37
C PRO C 67 -18.70 -20.28 7.56
N GLU C 68 -18.31 -20.47 8.82
CA GLU C 68 -16.92 -20.77 9.17
C GLU C 68 -16.57 -22.23 8.83
N VAL C 69 -17.59 -23.09 8.71
CA VAL C 69 -17.40 -24.49 8.30
C VAL C 69 -16.94 -24.62 6.83
N SER C 70 -17.55 -23.84 5.93
CA SER C 70 -17.21 -23.91 4.52
C SER C 70 -17.67 -22.66 3.75
N GLN C 71 -16.83 -22.23 2.82
CA GLN C 71 -17.20 -21.24 1.80
C GLN C 71 -18.43 -21.66 1.00
N LEU C 72 -18.65 -22.97 0.88
CA LEU C 72 -19.84 -23.50 0.21
C LEU C 72 -21.12 -22.89 0.75
N PHE C 73 -21.20 -22.76 2.07
CA PHE C 73 -22.41 -22.23 2.70
C PHE C 73 -22.70 -20.80 2.23
N GLY C 74 -21.69 -19.94 2.35
CA GLY C 74 -21.79 -18.57 1.90
C GLY C 74 -22.12 -18.43 0.44
N GLU C 75 -21.50 -19.27 -0.40
CA GLU C 75 -21.75 -19.24 -1.84
C GLU C 75 -23.19 -19.65 -2.18
N ILE C 77 -25.78 -19.32 -0.13
CA ILE C 77 -26.64 -18.21 0.30
C ILE C 77 -26.57 -17.04 -0.71
N GLY C 78 -25.40 -16.82 -1.30
CA GLY C 78 -25.26 -15.85 -2.39
C GLY C 78 -26.13 -16.18 -3.59
N ILE C 79 -26.10 -17.45 -4.01
CA ILE C 79 -26.95 -17.90 -5.10
C ILE C 79 -28.42 -17.68 -4.74
N TRP C 80 -28.79 -17.93 -3.48
CA TRP C 80 -30.15 -17.64 -3.02
C TRP C 80 -30.49 -16.16 -3.17
N CYS C 81 -29.56 -15.29 -2.79
CA CYS C 81 -29.77 -13.85 -2.92
C CYS C 81 -30.04 -13.47 -4.37
N VAL C 82 -29.21 -13.96 -5.29
CA VAL C 82 -29.36 -13.61 -6.70
C VAL C 82 -30.66 -14.16 -7.31
N ALA C 83 -30.96 -15.42 -7.01
CA ALA C 83 -32.17 -16.07 -7.53
C ALA C 83 -33.43 -15.39 -7.02
N THR C 84 -33.40 -15.00 -5.75
CA THR C 84 -34.51 -14.29 -5.13
C THR C 84 -34.68 -12.91 -5.79
N TRP C 85 -33.59 -12.17 -5.93
CA TRP C 85 -33.59 -10.87 -6.63
C TRP C 85 -34.17 -10.96 -8.04
N GLU C 86 -33.83 -12.04 -8.75
CA GLU C 86 -34.40 -12.29 -10.08
C GLU C 86 -35.89 -12.52 -9.96
N ALA C 87 -36.30 -13.37 -9.02
CA ALA C 87 -37.72 -13.67 -8.79
C ALA C 87 -38.53 -12.42 -8.43
N GLY C 89 -38.07 -9.58 -9.80
CA GLY C 89 -38.08 -8.72 -10.98
C GLY C 89 -36.87 -7.82 -11.10
N LYS C 90 -35.74 -8.24 -10.53
CA LYS C 90 -34.47 -7.53 -10.68
C LYS C 90 -34.54 -6.03 -10.39
N PRO C 91 -34.92 -5.66 -9.16
CA PRO C 91 -34.91 -4.23 -8.82
C PRO C 91 -33.55 -3.57 -9.04
N LYS C 92 -33.57 -2.32 -9.45
CA LYS C 92 -32.35 -1.52 -9.65
C LYS C 92 -31.64 -1.21 -8.33
N LYS C 93 -32.41 -1.16 -7.23
CA LYS C 93 -31.85 -0.98 -5.89
C LYS C 93 -32.30 -2.13 -5.00
N LEU C 94 -31.33 -2.84 -4.43
CA LEU C 94 -31.58 -3.88 -3.46
C LEU C 94 -30.74 -3.66 -2.22
N GLN C 95 -31.41 -3.62 -1.06
CA GLN C 95 -30.71 -3.65 0.22
C GLN C 95 -30.51 -5.10 0.64
N ILE C 96 -29.33 -5.42 1.16
CA ILE C 96 -29.09 -6.70 1.81
C ILE C 96 -28.75 -6.43 3.27
N VAL C 97 -29.63 -6.87 4.16
CA VAL C 97 -29.50 -6.65 5.59
C VAL C 97 -29.08 -7.96 6.25
N GLU C 98 -28.06 -7.93 7.10
CA GLU C 98 -27.74 -9.11 7.93
C GLU C 98 -27.89 -8.82 9.43
N GLY C 100 -26.88 -9.70 13.03
CA GLY C 100 -25.77 -10.34 13.76
C GLY C 100 -24.80 -11.08 12.86
N PRO C 101 -23.99 -10.34 12.08
CA PRO C 101 -23.12 -10.95 11.06
C PRO C 101 -21.90 -11.71 11.58
N GLY C 102 -21.72 -11.87 12.89
CA GLY C 102 -20.58 -12.57 13.43
C GLY C 102 -19.28 -11.88 13.10
N ARG C 103 -18.37 -12.58 12.44
CA ARG C 103 -17.12 -11.99 11.98
C ARG C 103 -17.23 -11.36 10.57
N GLY C 104 -18.43 -11.43 9.97
CA GLY C 104 -18.64 -10.95 8.61
C GLY C 104 -18.31 -11.97 7.54
N THR C 105 -18.13 -13.23 7.95
CA THR C 105 -17.71 -14.29 7.05
C THR C 105 -18.74 -14.60 5.98
N LEU C 106 -19.99 -14.79 6.39
CA LEU C 106 -21.07 -15.06 5.45
C LEU C 106 -21.16 -13.96 4.38
N LYS C 108 -18.98 -11.71 3.55
CA LYS C 108 -17.77 -11.68 2.73
C LYS C 108 -17.83 -12.73 1.60
N ASP C 109 -18.24 -13.95 1.95
CA ASP C 109 -18.37 -15.01 0.95
C ASP C 109 -19.43 -14.69 -0.11
N ILE C 110 -20.54 -14.09 0.31
CA ILE C 110 -21.59 -13.66 -0.61
C ILE C 110 -21.05 -12.62 -1.59
N LEU C 111 -20.47 -11.57 -1.05
CA LEU C 111 -19.96 -10.46 -1.86
C LEU C 111 -18.84 -10.89 -2.79
N ARG C 112 -18.06 -11.89 -2.39
CA ARG C 112 -17.05 -12.44 -3.29
C ARG C 112 -17.75 -13.20 -4.42
N SER C 113 -18.50 -14.24 -4.05
CA SER C 113 -19.03 -15.20 -5.02
C SER C 113 -20.09 -14.62 -5.98
N THR C 114 -20.80 -13.57 -5.57
CA THR C 114 -21.82 -12.97 -6.43
C THR C 114 -21.29 -11.86 -7.34
N LYS C 115 -20.02 -11.50 -7.19
CA LYS C 115 -19.43 -10.46 -8.05
C LYS C 115 -19.68 -10.68 -9.54
N VAL C 116 -19.61 -11.95 -9.97
CA VAL C 116 -19.80 -12.30 -11.39
C VAL C 116 -21.14 -11.87 -11.99
N PHE C 117 -22.18 -11.78 -11.16
CA PHE C 117 -23.50 -11.38 -11.65
C PHE C 117 -23.58 -9.85 -11.70
N LYS C 118 -23.24 -9.26 -12.85
CA LYS C 118 -23.03 -7.80 -12.96
C LYS C 118 -24.27 -7.01 -12.58
N GLU C 119 -25.40 -7.37 -13.19
CA GLU C 119 -26.63 -6.62 -13.01
C GLU C 119 -27.06 -6.65 -11.55
N PHE C 120 -26.93 -7.81 -10.91
CA PHE C 120 -27.21 -7.97 -9.48
C PHE C 120 -26.26 -7.14 -8.63
N TYR C 121 -24.96 -7.33 -8.85
CA TYR C 121 -23.92 -6.68 -8.04
C TYR C 121 -23.99 -5.15 -8.15
N ASP C 122 -24.50 -4.64 -9.27
CA ASP C 122 -24.69 -3.20 -9.43
C ASP C 122 -25.85 -2.65 -8.63
N SER C 123 -26.79 -3.50 -8.25
CA SER C 123 -27.99 -3.03 -7.55
C SER C 123 -27.87 -3.08 -6.02
N ILE C 124 -26.89 -3.80 -5.48
CA ILE C 124 -26.88 -4.08 -4.04
C ILE C 124 -26.15 -3.04 -3.18
N SER C 125 -26.70 -2.78 -2.00
CA SER C 125 -25.95 -2.16 -0.91
C SER C 125 -26.13 -3.04 0.33
N VAL C 126 -25.21 -2.94 1.30
CA VAL C 126 -25.25 -3.80 2.46
C VAL C 126 -25.49 -3.03 3.77
N HIS C 127 -26.31 -3.61 4.64
CA HIS C 127 -26.61 -3.08 5.96
C HIS C 127 -26.47 -4.17 7.00
N LEU C 128 -25.60 -3.93 7.97
CA LEU C 128 -25.33 -4.90 9.03
C LEU C 128 -25.91 -4.38 10.34
N VAL C 129 -26.74 -5.21 10.96
CA VAL C 129 -27.32 -4.88 12.26
C VAL C 129 -26.49 -5.56 13.33
N GLU C 130 -25.80 -4.74 14.12
CA GLU C 130 -24.78 -5.22 15.05
C GLU C 130 -24.70 -4.32 16.28
N ALA C 131 -24.89 -4.90 17.46
CA ALA C 131 -24.83 -4.16 18.72
C ALA C 131 -23.42 -4.10 19.32
N SER C 132 -22.63 -5.16 19.12
CA SER C 132 -21.29 -5.24 19.71
C SER C 132 -20.26 -4.42 18.96
N PRO C 133 -19.57 -3.48 19.65
CA PRO C 133 -18.47 -2.73 19.04
C PRO C 133 -17.31 -3.62 18.59
N ALA C 134 -17.02 -4.67 19.37
CA ALA C 134 -15.98 -5.64 19.03
C ALA C 134 -16.28 -6.31 17.69
N ASN C 135 -17.51 -6.80 17.57
CA ASN C 135 -17.98 -7.38 16.33
C ASN C 135 -17.92 -6.38 15.18
N LYS C 136 -18.36 -5.13 15.40
CA LYS C 136 -18.26 -4.10 14.36
C LYS C 136 -16.84 -3.94 13.85
N LYS C 137 -15.89 -3.88 14.78
CA LYS C 137 -14.49 -3.74 14.41
C LYS C 137 -14.03 -4.92 13.55
N THR C 138 -14.33 -6.13 14.00
CA THR C 138 -13.94 -7.33 13.26
C THR C 138 -14.56 -7.36 11.86
N GLN C 139 -15.85 -7.05 11.77
CA GLN C 139 -16.58 -7.04 10.50
C GLN C 139 -16.01 -5.99 9.54
N LYS C 140 -15.70 -4.81 10.06
CA LYS C 140 -15.12 -3.74 9.26
C LYS C 140 -13.75 -4.12 8.73
N GLN C 141 -12.92 -4.67 9.61
CA GLN C 141 -11.60 -5.15 9.22
C GLN C 141 -11.69 -6.27 8.18
N ASN C 142 -12.75 -7.07 8.28
CA ASN C 142 -12.92 -8.20 7.41
C ASN C 142 -13.54 -7.85 6.05
N LEU C 143 -14.27 -6.74 5.97
CA LEU C 143 -15.06 -6.40 4.78
C LEU C 143 -14.64 -5.15 4.00
N LEU C 144 -13.99 -4.20 4.67
CA LEU C 144 -13.78 -2.88 4.07
C LEU C 144 -12.40 -2.67 3.46
N TYR C 145 -12.36 -1.75 2.51
CA TYR C 145 -11.13 -1.27 1.90
C TYR C 145 -10.82 0.08 2.54
N PHE C 146 -9.62 0.25 3.07
CA PHE C 146 -9.25 1.44 3.81
C PHE C 146 -8.19 2.26 3.08
N LYS C 147 -8.51 3.54 2.86
CA LYS C 147 -7.58 4.49 2.28
C LYS C 147 -6.72 5.16 3.35
N ASP C 148 -7.13 5.08 4.61
CA ASP C 148 -6.39 5.72 5.69
C ASP C 148 -5.72 4.70 6.63
N LYS C 149 -4.56 5.09 7.15
CA LYS C 149 -3.76 4.23 8.03
C LYS C 149 -4.41 4.18 9.42
N ALA C 150 -4.71 5.36 9.97
CA ALA C 150 -5.29 5.48 11.31
C ALA C 150 -6.81 5.39 11.26
N ILE C 151 -7.37 4.35 11.89
CA ILE C 151 -8.81 4.11 11.83
C ILE C 151 -9.39 3.99 13.22
N ASN C 152 -10.26 4.93 13.58
CA ASN C 152 -11.11 4.78 14.76
C ASN C 152 -12.41 4.17 14.28
N PHE C 153 -12.63 2.91 14.62
CA PHE C 153 -13.77 2.15 14.10
C PHE C 153 -15.11 2.64 14.64
N ASP C 154 -15.09 3.40 15.75
CA ASP C 154 -16.32 3.88 16.36
C ASP C 154 -16.99 4.96 15.51
N HIS C 155 -16.25 5.98 15.10
CA HIS C 155 -16.85 7.01 14.25
C HIS C 155 -16.69 6.73 12.76
N LYS C 156 -17.00 5.48 12.38
CA LYS C 156 -16.87 5.00 11.02
C LYS C 156 -18.03 4.00 10.80
N THR C 157 -19.21 4.53 10.50
CA THR C 157 -20.41 3.67 10.35
C THR C 157 -20.75 3.30 8.91
N ILE C 158 -20.08 3.94 7.95
CA ILE C 158 -20.23 3.62 6.53
C ILE C 158 -18.85 3.30 5.94
N GLY C 159 -18.83 2.35 5.02
CA GLY C 159 -17.61 1.94 4.36
C GLY C 159 -17.83 1.39 2.97
N GLU C 160 -16.73 1.09 2.31
CA GLU C 160 -16.73 0.60 0.94
C GLU C 160 -15.92 -0.69 0.88
N THR C 161 -16.47 -1.68 0.20
CA THR C 161 -15.82 -2.97 -0.04
C THR C 161 -14.71 -2.74 -1.09
N PRO C 162 -13.73 -3.66 -1.19
CA PRO C 162 -12.74 -3.47 -2.27
C PRO C 162 -13.34 -3.48 -3.67
N ASN C 163 -14.38 -4.26 -3.89
CA ASN C 163 -15.19 -4.18 -5.10
C ASN C 163 -16.15 -2.98 -5.19
N GLY C 164 -16.05 -2.04 -4.25
CA GLY C 164 -16.82 -0.80 -4.30
C GLY C 164 -18.26 -0.90 -3.82
N ILE C 165 -18.62 -1.98 -3.14
CA ILE C 165 -19.97 -2.12 -2.57
C ILE C 165 -20.07 -1.37 -1.24
N LYS C 166 -21.13 -0.59 -1.08
CA LYS C 166 -21.35 0.18 0.13
C LYS C 166 -21.82 -0.70 1.29
N VAL C 167 -21.24 -0.50 2.47
CA VAL C 167 -21.64 -1.23 3.68
C VAL C 167 -21.88 -0.27 4.84
N THR C 168 -23.07 -0.33 5.43
CA THR C 168 -23.44 0.52 6.57
C THR C 168 -23.73 -0.33 7.81
N TRP C 169 -23.23 0.11 8.96
CA TRP C 169 -23.51 -0.55 10.25
C TRP C 169 -24.54 0.22 11.04
N VAL C 170 -25.52 -0.49 11.60
CA VAL C 170 -26.50 0.12 12.50
C VAL C 170 -26.77 -0.81 13.67
N GLY C 171 -27.31 -0.24 14.75
CA GLY C 171 -27.54 -0.97 15.99
C GLY C 171 -28.83 -1.77 16.00
N LYS C 172 -29.86 -1.26 15.33
CA LYS C 172 -31.16 -1.92 15.30
C LYS C 172 -31.72 -1.96 13.90
N LEU C 173 -32.52 -2.99 13.62
CA LEU C 173 -33.21 -3.13 12.33
C LEU C 173 -34.05 -1.90 11.99
N GLU C 174 -34.65 -1.29 13.01
CA GLU C 174 -35.42 -0.06 12.86
C GLU C 174 -34.64 1.03 12.11
N GLU C 175 -33.32 1.06 12.29
CA GLU C 175 -32.50 2.08 11.65
C GLU C 175 -32.21 1.84 10.17
N VAL C 176 -32.53 0.65 9.64
CA VAL C 176 -32.28 0.35 8.23
C VAL C 176 -33.26 1.11 7.34
N PRO C 177 -32.78 1.75 6.26
CA PRO C 177 -33.71 2.47 5.39
C PRO C 177 -34.89 1.61 4.93
N THR C 178 -36.03 2.27 4.72
CA THR C 178 -37.25 1.63 4.30
C THR C 178 -37.48 2.01 2.85
N ASP C 179 -38.57 1.50 2.28
CA ASP C 179 -39.00 1.91 0.93
C ASP C 179 -37.99 1.54 -0.17
N ILE C 180 -37.24 0.46 0.06
CA ILE C 180 -36.36 -0.12 -0.95
C ILE C 180 -36.49 -1.63 -0.79
N PRO C 181 -36.64 -2.37 -1.90
CA PRO C 181 -36.70 -3.82 -1.78
C PRO C 181 -35.51 -4.38 -1.01
N THR C 182 -35.77 -5.31 -0.09
CA THR C 182 -34.74 -5.75 0.86
C THR C 182 -34.68 -7.27 1.08
N LEU C 183 -33.46 -7.79 1.05
CA LEU C 183 -33.17 -9.15 1.48
C LEU C 183 -32.71 -9.09 2.93
N PHE C 184 -33.15 -10.05 3.74
CA PHE C 184 -32.75 -10.14 5.15
C PHE C 184 -32.13 -11.51 5.40
N LEU C 185 -30.93 -11.52 5.97
CA LEU C 185 -30.27 -12.76 6.33
C LEU C 185 -30.09 -12.81 7.85
N ALA C 186 -30.58 -13.89 8.44
CA ALA C 186 -30.42 -14.12 9.87
C ALA C 186 -29.88 -15.53 10.07
N GLN C 187 -28.56 -15.63 10.26
CA GLN C 187 -27.87 -16.91 10.36
C GLN C 187 -27.33 -17.09 11.78
N GLU C 188 -27.84 -18.11 12.46
CA GLU C 188 -27.54 -18.37 13.87
C GLU C 188 -27.71 -17.11 14.72
N PHE C 189 -28.79 -16.37 14.45
CA PHE C 189 -29.09 -15.12 15.14
C PHE C 189 -30.20 -15.34 16.19
N PHE C 190 -31.31 -15.94 15.75
CA PHE C 190 -32.47 -16.19 16.61
C PHE C 190 -32.14 -17.05 17.84
N ASP C 191 -31.25 -18.03 17.70
CA ASP C 191 -30.84 -18.86 18.83
C ASP C 191 -30.17 -18.08 19.96
N ALA C 192 -29.69 -16.88 19.65
CA ALA C 192 -29.05 -16.02 20.64
C ALA C 192 -29.99 -14.97 21.24
N LEU C 193 -31.22 -14.87 20.72
CA LEU C 193 -32.18 -13.89 21.24
C LEU C 193 -32.80 -14.36 22.56
N PRO C 194 -33.19 -13.41 23.44
CA PRO C 194 -33.81 -13.80 24.70
C PRO C 194 -35.16 -14.48 24.53
N ILE C 195 -35.59 -15.19 25.56
CA ILE C 195 -36.88 -15.88 25.55
C ILE C 195 -37.61 -15.69 26.87
N HIS C 196 -38.91 -15.93 26.85
CA HIS C 196 -39.70 -16.03 28.08
C HIS C 196 -40.03 -17.49 28.28
N VAL C 197 -40.21 -17.90 29.53
CA VAL C 197 -40.56 -19.27 29.85
C VAL C 197 -41.83 -19.26 30.69
N PHE C 198 -42.78 -20.11 30.30
CA PHE C 198 -44.07 -20.17 30.96
C PHE C 198 -44.36 -21.59 31.42
N ARG C 199 -45.10 -21.69 32.52
CA ARG C 199 -45.38 -22.96 33.17
C ARG C 199 -46.84 -23.00 33.61
N PHE C 200 -47.54 -24.07 33.28
CA PHE C 200 -48.97 -24.17 33.62
C PHE C 200 -49.17 -24.70 35.03
N SER C 201 -49.99 -24.00 35.80
CA SER C 201 -50.38 -24.42 37.14
C SER C 201 -51.82 -24.89 37.10
N ARG C 202 -52.03 -26.17 37.42
CA ARG C 202 -53.37 -26.75 37.47
C ARG C 202 -54.11 -26.28 38.72
N GLU C 203 -53.38 -26.13 39.83
CA GLU C 203 -53.99 -25.67 41.08
C GLU C 203 -54.40 -24.18 41.03
N LYS C 204 -53.84 -23.43 40.09
CA LYS C 204 -54.32 -22.09 39.77
C LYS C 204 -55.12 -22.09 38.46
N ASN C 205 -55.22 -23.27 37.83
CA ASN C 205 -55.81 -23.46 36.51
C ASN C 205 -55.46 -22.35 35.50
N ASP C 206 -54.18 -22.01 35.43
CA ASP C 206 -53.74 -20.95 34.54
C ASP C 206 -52.22 -20.98 34.36
N TRP C 207 -51.74 -20.25 33.36
CA TRP C 207 -50.31 -20.15 33.11
C TRP C 207 -49.66 -19.11 34.02
N CYS C 208 -48.44 -19.44 34.47
CA CYS C 208 -47.57 -18.53 35.18
C CYS C 208 -46.31 -18.34 34.37
N GLU C 209 -45.60 -17.24 34.63
CA GLU C 209 -44.28 -17.03 34.03
C GLU C 209 -43.23 -17.50 35.02
N VAL C 210 -42.12 -18.03 34.49
CA VAL C 210 -40.99 -18.39 35.35
C VAL C 210 -40.00 -17.22 35.38
N LEU C 211 -39.62 -16.85 36.60
CA LEU C 211 -38.83 -15.66 36.87
C LEU C 211 -37.57 -16.01 37.65
N VAL C 212 -36.60 -15.11 37.62
CA VAL C 212 -35.38 -15.23 38.39
C VAL C 212 -35.45 -14.26 39.55
N ASP C 213 -35.29 -14.79 40.76
CA ASP C 213 -35.31 -13.97 41.97
C ASP C 213 -34.00 -14.19 42.72
N GLU C 214 -33.65 -13.28 43.62
CA GLU C 214 -32.56 -13.52 44.55
C GLU C 214 -32.85 -14.82 45.30
N ASP C 215 -31.80 -15.52 45.73
CA ASP C 215 -31.99 -16.76 46.49
C ASP C 215 -31.84 -16.67 48.03
N ILE C 216 -30.74 -16.14 48.53
CA ILE C 216 -30.54 -16.04 50.00
C ILE C 216 -30.77 -17.38 50.73
N THR C 217 -31.93 -17.55 51.36
CA THR C 217 -32.43 -18.82 51.91
C THR C 217 -31.45 -20.00 52.06
N GLU C 218 -31.54 -20.66 53.20
CA GLU C 218 -30.54 -21.63 53.66
C GLU C 218 -30.36 -22.79 52.67
N HIS C 219 -29.14 -23.31 52.62
CA HIS C 219 -28.65 -24.18 51.55
C HIS C 219 -29.28 -23.93 50.17
N GLY C 220 -29.21 -22.67 49.75
CA GLY C 220 -29.53 -22.28 48.38
C GLY C 220 -28.25 -22.40 47.57
N GLU C 221 -28.29 -23.24 46.54
CA GLU C 221 -27.12 -23.59 45.73
C GLU C 221 -26.43 -22.36 45.12
N TYR C 222 -27.19 -21.51 44.47
CA TYR C 222 -26.67 -20.28 43.89
C TYR C 222 -27.29 -19.05 44.56
N TYR C 223 -26.88 -17.86 44.13
CA TYR C 223 -27.39 -16.60 44.70
C TYR C 223 -28.64 -16.10 43.96
N LEU C 224 -28.98 -16.75 42.85
CA LEU C 224 -30.25 -16.54 42.18
C LEU C 224 -31.00 -17.86 42.11
N ARG C 225 -32.30 -17.79 41.89
CA ARG C 225 -33.12 -18.99 41.77
C ARG C 225 -34.30 -18.74 40.85
N PHE C 226 -34.89 -19.83 40.35
CA PHE C 226 -36.10 -19.76 39.54
C PHE C 226 -37.32 -19.84 40.46
N VAL C 227 -38.29 -18.95 40.20
CA VAL C 227 -39.55 -18.93 40.93
C VAL C 227 -40.69 -18.80 39.93
N GLN C 228 -41.90 -19.08 40.38
CA GLN C 228 -43.10 -19.02 39.55
C GLN C 228 -43.89 -17.78 39.93
N SER C 229 -44.40 -17.05 38.95
CA SER C 229 -45.17 -15.83 39.24
C SER C 229 -46.49 -16.19 39.94
N LYS C 230 -46.96 -15.28 40.80
CA LYS C 230 -48.26 -15.45 41.46
C LYS C 230 -49.34 -15.14 40.43
N GLY C 231 -49.80 -16.17 39.73
CA GLY C 231 -50.81 -16.01 38.69
C GLY C 231 -50.20 -15.56 37.38
N PRO C 232 -51.03 -15.18 36.41
CA PRO C 232 -50.53 -14.72 35.14
C PRO C 232 -49.84 -13.37 35.24
N THR C 233 -48.72 -13.22 34.54
CA THR C 233 -48.11 -11.92 34.35
C THR C 233 -48.75 -11.25 33.13
N LEU C 234 -48.42 -9.98 32.91
CA LEU C 234 -48.94 -9.27 31.74
C LEU C 234 -48.45 -9.91 30.45
N THR C 236 -47.74 -13.24 30.21
CA THR C 236 -48.52 -14.47 30.18
C THR C 236 -49.85 -14.21 29.51
N THR C 237 -50.59 -13.21 29.99
CA THR C 237 -51.85 -12.82 29.35
C THR C 237 -51.64 -12.47 27.88
N ALA C 238 -50.71 -11.55 27.61
CA ALA C 238 -50.42 -11.10 26.25
C ALA C 238 -50.14 -12.20 25.23
N VAL C 239 -49.56 -13.32 25.67
CA VAL C 239 -49.26 -14.44 24.75
C VAL C 239 -50.10 -15.71 24.98
N LYS C 240 -51.17 -15.61 25.76
CA LYS C 240 -51.99 -16.80 26.08
C LYS C 240 -52.57 -17.46 24.82
N HIS C 241 -52.81 -16.69 23.76
CA HIS C 241 -53.27 -17.25 22.48
C HIS C 241 -52.23 -18.10 21.74
N LEU C 242 -50.97 -18.05 22.16
CA LEU C 242 -49.92 -18.90 21.59
C LEU C 242 -49.65 -20.15 22.42
N LEU C 243 -49.95 -20.09 23.71
CA LEU C 243 -49.72 -21.22 24.60
C LEU C 243 -50.77 -22.31 24.36
N PRO C 244 -50.42 -23.58 24.58
CA PRO C 244 -51.40 -24.66 24.38
C PRO C 244 -52.53 -24.59 25.39
N GLU C 245 -53.74 -24.92 24.97
CA GLU C 245 -54.90 -24.85 25.86
C GLU C 245 -54.96 -26.03 26.83
N PHE C 246 -54.52 -27.20 26.37
CA PHE C 246 -54.63 -28.43 27.18
C PHE C 246 -53.99 -28.41 28.57
N GLY C 247 -53.05 -27.50 28.83
CA GLY C 247 -52.56 -27.24 30.18
C GLY C 247 -52.53 -28.41 31.16
N LEU C 248 -51.43 -29.15 31.17
CA LEU C 248 -51.15 -30.17 32.19
C LEU C 248 -50.28 -29.55 33.27
N ASP C 249 -50.44 -30.00 34.51
CA ASP C 249 -49.72 -29.38 35.63
C ASP C 249 -48.21 -29.47 35.43
N GLY C 250 -47.53 -28.35 35.60
CA GLY C 250 -46.09 -28.26 35.39
C GLY C 250 -45.64 -28.15 33.95
N TYR C 251 -46.56 -28.27 32.99
CA TYR C 251 -46.23 -28.24 31.57
C TYR C 251 -45.59 -26.90 31.24
N GLN C 252 -44.39 -26.95 30.64
CA GLN C 252 -43.56 -25.77 30.46
C GLN C 252 -43.21 -25.52 29.00
N VAL C 253 -43.23 -24.26 28.57
CA VAL C 253 -42.83 -23.89 27.22
C VAL C 253 -41.98 -22.63 27.18
N GLU C 254 -41.15 -22.53 26.13
CA GLU C 254 -40.36 -21.35 25.86
C GLU C 254 -41.01 -20.60 24.73
N LEU C 255 -40.90 -19.28 24.74
CA LEU C 255 -41.40 -18.44 23.65
C LEU C 255 -40.40 -17.33 23.36
N GLY C 256 -39.99 -17.24 22.09
CA GLY C 256 -39.03 -16.23 21.65
C GLY C 256 -39.74 -14.97 21.14
N LEU C 257 -40.22 -14.18 22.09
CA LEU C 257 -41.01 -13.00 21.77
C LEU C 257 -40.19 -11.93 21.05
N ALA C 258 -38.94 -11.77 21.44
CA ALA C 258 -38.03 -10.84 20.77
C ALA C 258 -37.93 -11.20 19.28
N GLY C 259 -37.74 -12.49 19.03
CA GLY C 259 -37.70 -13.03 17.68
C GLY C 259 -38.99 -12.81 16.91
N LEU C 260 -40.13 -12.96 17.59
CA LEU C 260 -41.41 -12.73 16.93
C LEU C 260 -41.56 -11.25 16.52
N ALA C 261 -41.06 -10.35 17.37
CA ALA C 261 -41.09 -8.92 17.10
C ALA C 261 -40.24 -8.58 15.87
N ILE C 262 -39.05 -9.17 15.81
CA ILE C 262 -38.19 -8.99 14.64
C ILE C 262 -38.86 -9.54 13.38
N SER C 263 -39.50 -10.70 13.51
CA SER C 263 -40.20 -11.33 12.40
C SER C 263 -41.30 -10.42 11.87
N GLN C 264 -42.05 -9.79 12.77
CA GLN C 264 -43.08 -8.83 12.38
C GLN C 264 -42.51 -7.61 11.67
N GLN C 265 -41.39 -7.09 12.16
CA GLN C 265 -40.72 -5.97 11.48
C GLN C 265 -40.34 -6.32 10.05
N ILE C 266 -39.75 -7.50 9.88
CA ILE C 266 -39.34 -7.98 8.55
C ILE C 266 -40.55 -8.17 7.63
N ALA C 267 -41.57 -8.86 8.15
CA ALA C 267 -42.80 -9.12 7.42
C ALA C 267 -43.49 -7.84 6.93
N ASN C 268 -43.58 -6.84 7.82
CA ASN C 268 -44.23 -5.57 7.46
C ASN C 268 -43.37 -4.76 6.48
N ARG C 269 -42.05 -4.80 6.66
CA ARG C 269 -41.13 -4.20 5.68
C ARG C 269 -41.35 -4.79 4.28
N ILE C 270 -41.44 -6.13 4.22
CA ILE C 270 -41.64 -6.82 2.94
C ILE C 270 -43.01 -6.51 2.35
N ASP C 271 -44.04 -6.45 3.20
CA ASP C 271 -45.37 -6.04 2.79
C ASP C 271 -45.38 -4.64 2.15
N LYS C 272 -44.62 -3.72 2.73
CA LYS C 272 -44.59 -2.35 2.22
C LYS C 272 -43.75 -2.20 0.95
N SER C 273 -42.50 -2.63 1.02
CA SER C 273 -41.51 -2.32 -0.03
C SER C 273 -40.94 -3.53 -0.77
N GLY C 274 -41.38 -4.73 -0.40
CA GLY C 274 -40.90 -5.95 -1.04
C GLY C 274 -39.58 -6.47 -0.52
N GLY C 275 -39.34 -7.76 -0.73
CA GLY C 275 -38.11 -8.40 -0.30
C GLY C 275 -38.33 -9.81 0.22
N ALA C 276 -37.29 -10.34 0.87
CA ALA C 276 -37.37 -11.71 1.38
C ALA C 276 -36.32 -11.94 2.44
N ALA C 277 -36.67 -12.77 3.43
CA ALA C 277 -35.79 -13.10 4.53
C ALA C 277 -35.51 -14.58 4.53
N LEU C 278 -34.23 -14.91 4.76
CA LEU C 278 -33.77 -16.25 5.11
C LEU C 278 -33.40 -16.28 6.58
N ILE C 279 -34.08 -17.14 7.34
CA ILE C 279 -33.74 -17.37 8.73
C ILE C 279 -33.21 -18.79 8.86
N ILE C 280 -31.94 -18.92 9.24
CA ILE C 280 -31.29 -20.22 9.36
C ILE C 280 -30.83 -20.41 10.79
N ASP C 281 -31.24 -21.52 11.38
CA ASP C 281 -30.86 -21.79 12.76
C ASP C 281 -31.20 -23.20 13.16
N TYR C 282 -30.60 -23.65 14.26
CA TYR C 282 -31.00 -24.92 14.85
C TYR C 282 -32.32 -24.74 15.62
N GLY C 283 -33.25 -25.65 15.40
CA GLY C 283 -34.57 -25.52 16.01
C GLY C 283 -35.59 -26.56 15.61
N TYR C 284 -36.85 -26.28 15.88
CA TYR C 284 -37.93 -27.22 15.59
C TYR C 284 -39.13 -26.57 14.91
N ASP C 285 -39.90 -27.39 14.20
CA ASP C 285 -41.15 -26.97 13.59
C ASP C 285 -42.29 -27.18 14.59
N LYS C 286 -42.11 -26.63 15.79
CA LYS C 286 -43.07 -26.75 16.88
C LYS C 286 -42.64 -25.87 18.06
N ILE C 287 -43.52 -25.72 19.04
CA ILE C 287 -43.16 -24.99 20.25
C ILE C 287 -42.11 -25.78 21.00
N VAL C 288 -41.08 -25.09 21.47
CA VAL C 288 -39.98 -25.70 22.19
C VAL C 288 -40.30 -25.69 23.69
N LYS C 289 -40.34 -26.86 24.29
CA LYS C 289 -40.63 -26.97 25.73
C LYS C 289 -39.43 -26.57 26.58
N SER C 290 -38.25 -27.10 26.24
CA SER C 290 -37.07 -26.83 27.03
C SER C 290 -35.80 -26.95 26.20
N SER C 291 -35.06 -25.85 26.11
CA SER C 291 -33.82 -25.82 25.33
C SER C 291 -32.78 -24.80 25.81
N LEU C 292 -33.16 -23.83 26.64
CA LEU C 292 -32.22 -22.83 27.12
C LEU C 292 -31.02 -23.54 27.75
N GLN C 293 -29.83 -23.28 27.22
CA GLN C 293 -28.62 -23.92 27.69
C GLN C 293 -27.51 -22.90 27.92
N ALA C 294 -26.64 -23.21 28.87
CA ALA C 294 -25.50 -22.38 29.21
C ALA C 294 -24.23 -23.20 29.07
N ILE C 295 -23.34 -22.76 28.19
CA ILE C 295 -22.07 -23.44 27.95
C ILE C 295 -20.91 -22.56 28.38
N ARG C 296 -19.95 -23.17 29.08
CA ARG C 296 -18.76 -22.49 29.59
C ARG C 296 -17.58 -23.45 29.47
N ASP C 297 -16.50 -23.01 28.82
CA ASP C 297 -15.29 -23.84 28.64
C ASP C 297 -15.63 -25.25 28.14
N HIS C 298 -16.42 -25.31 27.08
CA HIS C 298 -16.82 -26.57 26.46
C HIS C 298 -17.59 -27.50 27.41
N GLU C 299 -18.28 -26.92 28.40
CA GLU C 299 -19.09 -27.72 29.31
C GLU C 299 -20.46 -27.11 29.49
N PHE C 300 -21.49 -27.95 29.52
CA PHE C 300 -22.82 -27.52 29.93
C PHE C 300 -22.77 -27.23 31.43
N VAL C 301 -23.25 -26.05 31.80
CA VAL C 301 -23.24 -25.62 33.20
C VAL C 301 -24.61 -25.06 33.55
N ASP C 302 -24.87 -24.90 34.85
CA ASP C 302 -26.13 -24.35 35.31
C ASP C 302 -26.26 -22.88 34.91
N ILE C 303 -27.46 -22.53 34.44
CA ILE C 303 -27.75 -21.18 33.98
C ILE C 303 -27.48 -20.14 35.08
N LEU C 304 -27.72 -20.50 36.34
CA LEU C 304 -27.52 -19.58 37.46
C LEU C 304 -26.15 -19.72 38.14
N ASP C 305 -25.21 -20.42 37.50
CA ASP C 305 -23.87 -20.60 38.04
C ASP C 305 -22.96 -19.52 37.47
N LYS C 306 -22.63 -18.52 38.28
CA LYS C 306 -21.83 -17.37 37.86
C LYS C 306 -22.36 -16.75 36.55
N PRO C 307 -23.60 -16.25 36.58
CA PRO C 307 -24.20 -15.65 35.39
C PRO C 307 -23.26 -14.61 34.79
N GLY C 308 -23.23 -14.53 33.47
CA GLY C 308 -22.29 -13.66 32.78
C GLY C 308 -21.03 -14.39 32.34
N THR C 309 -20.67 -15.49 33.02
CA THR C 309 -19.47 -16.25 32.64
C THR C 309 -19.72 -17.36 31.61
N ALA C 310 -20.98 -17.56 31.19
CA ALA C 310 -21.31 -18.63 30.25
C ALA C 310 -22.21 -18.15 29.14
N ASP C 311 -22.06 -18.75 27.97
CA ASP C 311 -22.83 -18.38 26.81
C ASP C 311 -24.19 -19.08 26.84
N LEU C 312 -25.24 -18.32 26.60
CA LEU C 312 -26.60 -18.85 26.62
C LEU C 312 -27.08 -19.06 25.20
N SER C 313 -27.85 -20.12 24.98
CA SER C 313 -28.49 -20.32 23.67
C SER C 313 -29.78 -21.10 23.78
N VAL C 314 -30.59 -20.97 22.73
CA VAL C 314 -31.91 -21.54 22.68
C VAL C 314 -32.08 -22.22 21.32
N TRP C 315 -32.89 -23.27 21.26
CA TRP C 315 -33.31 -23.85 19.99
C TRP C 315 -34.53 -23.07 19.48
N VAL C 316 -34.52 -22.74 18.19
CA VAL C 316 -35.51 -21.80 17.65
C VAL C 316 -36.84 -22.49 17.35
N ASP C 317 -37.92 -21.83 17.77
CA ASP C 317 -39.28 -22.25 17.47
C ASP C 317 -39.67 -21.63 16.12
N PHE C 318 -39.60 -22.42 15.06
CA PHE C 318 -39.90 -21.94 13.71
C PHE C 318 -41.41 -21.83 13.45
N GLN C 319 -42.17 -22.67 14.13
CA GLN C 319 -43.63 -22.70 13.99
C GLN C 319 -44.29 -21.40 14.38
N THR C 320 -43.93 -20.88 15.55
CA THR C 320 -44.56 -19.68 16.07
C THR C 320 -44.18 -18.47 15.22
N ILE C 321 -42.96 -18.48 14.67
CA ILE C 321 -42.57 -17.44 13.71
C ILE C 321 -43.49 -17.48 12.49
N ARG C 322 -43.65 -18.68 11.91
CA ARG C 322 -44.52 -18.85 10.75
C ARG C 322 -45.96 -18.35 11.01
N LYS C 323 -46.54 -18.83 12.11
CA LYS C 323 -47.92 -18.49 12.49
C LYS C 323 -48.07 -17.01 12.74
N THR C 324 -47.06 -16.41 13.38
CA THR C 324 -47.09 -14.98 13.71
C THR C 324 -47.11 -14.15 12.43
N VAL C 325 -46.21 -14.48 11.48
CA VAL C 325 -46.17 -13.76 10.22
C VAL C 325 -47.53 -13.89 9.54
N LYS C 326 -48.01 -15.13 9.39
CA LYS C 326 -49.30 -15.35 8.72
C LYS C 326 -50.46 -14.56 9.36
N LEU C 327 -50.43 -14.43 10.68
CA LEU C 327 -51.48 -13.71 11.40
C LEU C 327 -51.51 -12.21 11.15
N LEU C 328 -50.47 -11.65 10.52
CA LEU C 328 -50.51 -10.26 10.07
C LEU C 328 -51.55 -10.05 8.98
N LYS C 329 -51.90 -11.11 8.25
CA LYS C 329 -52.89 -11.03 7.17
C LYS C 329 -52.60 -9.89 6.19
N ASN C 330 -51.33 -9.71 5.83
CA ASN C 330 -50.94 -8.73 4.80
C ASN C 330 -50.28 -9.47 3.62
N LYS C 331 -49.55 -8.76 2.76
CA LYS C 331 -48.94 -9.40 1.58
C LYS C 331 -47.83 -10.39 1.91
N SER C 332 -47.33 -10.35 3.14
CA SER C 332 -46.26 -11.26 3.55
C SER C 332 -46.79 -12.61 3.95
N THR C 333 -45.89 -13.58 3.99
CA THR C 333 -46.16 -14.90 4.53
C THR C 333 -44.82 -15.55 4.88
N ALA C 334 -44.88 -16.72 5.50
CA ALA C 334 -43.68 -17.46 5.88
C ALA C 334 -43.80 -18.89 5.37
N ILE C 335 -42.89 -19.30 4.48
CA ILE C 335 -42.93 -20.66 3.96
C ILE C 335 -42.06 -21.52 4.87
N GLY C 336 -42.70 -22.56 5.42
CA GLY C 336 -42.32 -23.21 6.69
C GLY C 336 -40.95 -23.82 6.65
N PRO C 337 -40.46 -24.27 7.82
CA PRO C 337 -39.07 -24.72 7.92
C PRO C 337 -38.75 -25.90 7.01
N VAL C 338 -37.61 -25.85 6.32
CA VAL C 338 -37.06 -27.01 5.65
C VAL C 338 -35.64 -27.24 6.16
N ASP C 339 -35.20 -28.49 6.14
CA ASP C 339 -33.91 -28.86 6.68
C ASP C 339 -32.77 -28.25 5.87
N GLN C 340 -31.66 -27.92 6.56
CA GLN C 340 -30.51 -27.28 5.94
C GLN C 340 -29.92 -28.14 4.83
N GLY C 341 -29.79 -29.44 5.07
CA GLY C 341 -29.26 -30.34 4.06
C GLY C 341 -30.05 -30.28 2.77
N ILE C 342 -31.36 -30.39 2.93
CA ILE C 342 -32.29 -30.38 1.80
C ILE C 342 -32.23 -29.03 1.08
N PHE C 343 -32.23 -27.95 1.85
CA PHE C 343 -32.13 -26.59 1.28
C PHE C 343 -30.87 -26.42 0.43
N LEU C 344 -29.71 -26.74 1.00
CA LEU C 344 -28.44 -26.52 0.33
C LEU C 344 -28.25 -27.41 -0.90
N LYS C 345 -28.77 -28.64 -0.81
CA LYS C 345 -28.79 -29.50 -1.98
C LYS C 345 -29.68 -28.90 -3.06
N GLU C 346 -30.86 -28.42 -2.67
CA GLU C 346 -31.80 -27.80 -3.61
C GLU C 346 -31.22 -26.53 -4.24
N GLY C 348 -28.07 -26.33 -5.10
CA GLY C 348 -27.01 -26.79 -6.00
C GLY C 348 -25.64 -26.88 -5.38
N ILE C 349 -25.59 -27.16 -4.08
CA ILE C 349 -24.30 -27.25 -3.38
C ILE C 349 -23.38 -28.35 -3.92
N GLU C 350 -23.94 -29.44 -4.43
CA GLU C 350 -23.11 -30.55 -4.94
C GLU C 350 -22.38 -30.16 -6.22
N HIS C 351 -23.08 -29.49 -7.12
CA HIS C 351 -22.47 -28.96 -8.33
C HIS C 351 -21.33 -28.02 -7.98
N ARG C 352 -21.58 -27.11 -7.03
CA ARG C 352 -20.54 -26.14 -6.64
C ARG C 352 -19.34 -26.83 -5.99
N LEU C 353 -19.61 -27.80 -5.14
CA LEU C 353 -18.57 -28.66 -4.55
C LEU C 353 -17.66 -29.23 -5.64
N ALA C 354 -18.28 -29.78 -6.69
CA ALA C 354 -17.51 -30.32 -7.81
C ALA C 354 -16.68 -29.24 -8.53
N GLN C 355 -17.27 -28.09 -8.76
CA GLN C 355 -16.59 -26.98 -9.45
C GLN C 355 -15.35 -26.47 -8.69
N ILE C 356 -15.51 -26.26 -7.39
CA ILE C 356 -14.42 -25.81 -6.53
C ILE C 356 -13.35 -26.89 -6.46
N GLY C 357 -13.77 -28.12 -6.22
CA GLY C 357 -12.86 -29.26 -6.24
C GLY C 357 -12.02 -29.38 -7.50
N ARG C 358 -12.62 -29.04 -8.64
CA ARG C 358 -11.88 -29.02 -9.92
C ARG C 358 -10.87 -27.89 -10.03
N LYS C 359 -11.19 -26.71 -9.49
CA LYS C 359 -10.20 -25.61 -9.46
C LYS C 359 -9.05 -25.90 -8.49
N LEU C 360 -9.32 -26.56 -7.36
CA LEU C 360 -8.25 -27.04 -6.50
C LEU C 360 -7.42 -28.08 -7.25
N ASP C 361 -6.14 -28.17 -6.94
CA ASP C 361 -5.31 -29.28 -7.46
C ASP C 361 -5.05 -30.37 -6.41
N SER C 362 -5.21 -30.05 -5.14
CA SER C 362 -4.85 -30.95 -4.06
C SER C 362 -5.97 -31.91 -3.68
N ASN C 363 -5.59 -33.18 -3.47
CA ASN C 363 -6.50 -34.20 -2.98
C ASN C 363 -6.84 -33.93 -1.52
N GLU C 364 -5.85 -33.50 -0.74
CA GLU C 364 -6.06 -33.17 0.68
C GLU C 364 -7.02 -31.99 0.83
N LYS C 365 -6.82 -30.95 0.04
CA LYS C 365 -7.72 -29.79 0.06
C LYS C 365 -9.14 -30.19 -0.35
N PHE C 366 -9.25 -31.05 -1.35
CA PHE C 366 -10.57 -31.54 -1.75
C PHE C 366 -11.25 -32.35 -0.63
N GLU C 367 -10.49 -33.22 0.02
CA GLU C 367 -11.01 -34.00 1.14
C GLU C 367 -11.51 -33.09 2.28
N GLU C 368 -10.74 -32.06 2.62
CA GLU C 368 -11.18 -31.04 3.58
C GLU C 368 -12.53 -30.42 3.16
N LEU C 369 -12.59 -29.99 1.91
CA LEU C 369 -13.81 -29.39 1.36
C LEU C 369 -15.02 -30.33 1.51
N VAL C 370 -14.83 -31.61 1.21
CA VAL C 370 -15.89 -32.62 1.34
C VAL C 370 -16.29 -32.86 2.80
N GLY C 372 -16.23 -30.58 5.11
CA GLY C 372 -17.08 -29.41 5.39
C GLY C 372 -18.49 -29.55 4.81
N TYR C 373 -18.55 -29.96 3.55
CA TYR C 373 -19.83 -30.24 2.89
C TYR C 373 -20.67 -31.21 3.72
N LYS C 374 -20.08 -32.33 4.12
CA LYS C 374 -20.76 -33.34 4.92
C LYS C 374 -21.24 -32.79 6.25
N LYS C 375 -20.44 -31.93 6.88
CA LYS C 375 -20.86 -31.33 8.15
C LYS C 375 -22.11 -30.44 7.93
N LEU C 376 -22.13 -29.72 6.81
CA LEU C 376 -23.27 -28.88 6.45
C LEU C 376 -24.55 -29.67 6.17
N VAL C 377 -24.44 -30.78 5.44
CA VAL C 377 -25.62 -31.45 4.89
C VAL C 377 -26.02 -32.81 5.48
N ASP C 378 -25.10 -33.51 6.14
CA ASP C 378 -25.45 -34.84 6.67
C ASP C 378 -26.49 -34.72 7.77
N PRO C 379 -27.42 -35.68 7.86
CA PRO C 379 -28.45 -35.65 8.91
C PRO C 379 -27.89 -35.80 10.31
N LYS C 380 -26.80 -36.56 10.44
CA LYS C 380 -26.15 -36.75 11.73
C LYS C 380 -25.22 -35.58 12.10
N GLU C 381 -24.98 -34.67 11.16
CA GLU C 381 -24.26 -33.42 11.41
C GLU C 381 -25.26 -32.27 11.54
N GLY C 383 -27.21 -31.06 9.04
CA GLY C 383 -28.21 -31.14 7.98
C GLY C 383 -29.67 -31.19 8.39
N THR C 384 -29.96 -31.76 9.56
CA THR C 384 -31.33 -31.87 10.07
C THR C 384 -31.63 -30.93 11.24
N ASN C 385 -30.71 -30.81 12.18
CA ASN C 385 -30.89 -29.91 13.34
C ASN C 385 -31.03 -28.47 12.87
N TYR C 386 -30.19 -28.07 11.92
CA TYR C 386 -30.30 -26.74 11.32
C TYR C 386 -31.40 -26.73 10.28
N LYS C 387 -32.17 -25.65 10.30
CA LYS C 387 -33.32 -25.48 9.44
C LYS C 387 -33.40 -24.05 8.93
N VAL C 388 -34.12 -23.92 7.83
CA VAL C 388 -34.24 -22.68 7.06
C VAL C 388 -35.71 -22.36 6.92
N ILE C 389 -36.08 -21.12 7.20
CA ILE C 389 -37.45 -20.64 6.96
C ILE C 389 -37.36 -19.31 6.23
N THR C 390 -38.34 -19.02 5.38
CA THR C 390 -38.34 -17.74 4.65
C THR C 390 -39.58 -16.92 4.93
N ILE C 391 -39.36 -15.61 5.05
CA ILE C 391 -40.45 -14.64 5.13
C ILE C 391 -40.45 -13.87 3.82
N CYS C 392 -41.58 -13.82 3.13
CA CYS C 392 -41.57 -13.30 1.77
C CYS C 392 -42.96 -12.84 1.30
N ASP C 393 -43.01 -12.31 0.09
CA ASP C 393 -44.25 -11.91 -0.55
C ASP C 393 -45.04 -13.15 -1.00
N LYS C 394 -46.31 -13.21 -0.59
CA LYS C 394 -47.23 -14.27 -1.01
C LYS C 394 -47.15 -14.58 -2.51
N ASN C 395 -47.05 -13.54 -3.32
CA ASN C 395 -47.08 -13.69 -4.77
C ASN C 395 -45.74 -14.00 -5.44
N ILE C 396 -44.67 -14.13 -4.66
CA ILE C 396 -43.37 -14.49 -5.26
C ILE C 396 -42.86 -15.79 -4.65
N THR C 397 -42.68 -16.81 -5.48
CA THR C 397 -42.36 -18.15 -5.00
C THR C 397 -40.93 -18.19 -4.49
N PRO C 398 -40.73 -18.70 -3.25
CA PRO C 398 -39.39 -18.72 -2.68
C PRO C 398 -38.50 -19.71 -3.42
N ILE C 399 -37.19 -19.46 -3.36
CA ILE C 399 -36.20 -20.36 -3.94
C ILE C 399 -35.69 -21.29 -2.84
N GLY C 400 -35.74 -22.59 -3.11
CA GLY C 400 -35.16 -23.59 -2.22
C GLY C 400 -36.13 -24.23 -1.24
N PHE C 401 -37.43 -24.02 -1.42
CA PHE C 401 -38.42 -24.50 -0.47
C PHE C 401 -39.44 -25.47 -1.07
N SER C 402 -39.04 -26.20 -2.11
CA SER C 402 -39.94 -27.15 -2.75
C SER C 402 -40.45 -28.23 -1.78
N THR C 403 -39.64 -28.55 -0.76
CA THR C 403 -40.02 -29.55 0.24
C THR C 403 -40.75 -28.98 1.46
N SER C 404 -41.13 -27.71 1.44
CA SER C 404 -41.84 -27.11 2.57
C SER C 404 -43.24 -27.68 2.68
N LYS C 405 -43.73 -27.82 3.91
CA LYS C 405 -45.03 -28.43 4.15
C LYS C 405 -46.17 -27.43 3.99
N THR C 406 -47.37 -27.97 3.87
CA THR C 406 -48.57 -27.17 3.89
C THR C 406 -49.23 -27.40 5.25
N TYR C 407 -49.53 -26.31 5.92
CA TYR C 407 -50.16 -26.36 7.23
C TYR C 407 -51.60 -25.87 7.05
N ASP C 408 -52.55 -26.81 7.00
CA ASP C 408 -53.94 -26.48 6.69
C ASP C 408 -54.57 -25.56 7.74
N ASP C 409 -54.50 -26.01 8.99
CA ASP C 409 -55.05 -25.27 10.14
C ASP C 409 -54.77 -23.76 10.13
N GLU C 410 -53.66 -23.35 9.54
CA GLU C 410 -53.25 -21.95 9.62
C GLU C 410 -53.36 -21.17 8.30
N ASP C 411 -53.87 -21.79 7.24
CA ASP C 411 -53.81 -21.14 5.92
C ASP C 411 -55.15 -20.67 5.33
N LEU C 412 -55.37 -19.35 5.40
CA LEU C 412 -56.43 -18.64 4.66
C LEU C 412 -57.87 -19.09 5.00
#